data_8HJL
#
_entry.id   8HJL
#
_cell.length_a   78.633
_cell.length_b   76.161
_cell.length_c   82.254
_cell.angle_alpha   90.000
_cell.angle_beta   92.590
_cell.angle_gamma   90.000
#
_symmetry.space_group_name_H-M   'P 1 21 1'
#
loop_
_entity.id
_entity.type
_entity.pdbx_description
1 polymer Glycosyltransferase
2 non-polymer "URIDINE-5'-DIPHOSPHATE"
3 non-polymer 2-AMINO-2-HYDROXYMETHYL-PROPANE-1,3-DIOL
4 non-polymer (20S)-2,5,8,11,14,17-HEXAMETHYL-3,6,9,12,15,18-HEXAOXAHENICOSANE-1,20-DIOL
5 non-polymer (2R,3S,4S,5R,6R)-2-(hydroxymethyl)-6-[[(3S,8S,9R,10S,11S,13R,14S,17S)-17-[(2S,5R)-5-[(2S,3R,4S,5R,6S)-6-(hydroxymethyl)-3-[(2S,3R,4S,5S,6R)-6-(hydroxymethyl)-3,4,5-tris(oxidanyl)oxan-2-yl]oxy-4,5-bis(oxidanyl)oxan-2-yl]oxy-6-methyl-6-oxidanyl-heptan-2-yl]-4,4,9,13,14-pentamethyl-11-oxidanyl-2,3,7,8,10,11,12,15,16,17-decahydro-1H-cyclopenta[a]phenanthren-3-yl]oxy]oxane-3,4,5-triol
6 water water
#
_entity_poly.entity_id   1
_entity_poly.type   'polypeptide(L)'
_entity_poly.pdbx_seq_one_letter_code
;MDAAQQGDTTTILMLPWLGYGHLSAFLELAKSLSRRNFHIYFCSTSVNLDAIKPKLPSSFSDSIQFVELHLPSSPEFPPH
LHTTNGLPPTLMPALHQAFSMAAQHFESILQTLAPHLLIYDSLQPWAPRVASSLKIPAINFNTTGVFVISQGLHPIHYPH
SKFPFSEFVLHNHWKAMYSTADGASTERTRKRGEAFLYCLHASCSVILINSFRELEGKYMDYLSVLLNKKVVPVGPLVYE
PNQDGEDEGYSSIKNWLDKKEPSSTVFVSFGSEYFPSKEEMEEIAHGLEASEVNFIWVVRFPQGDNTSGIEDALPKGFLE
RAGERGMVVKGWAPQAKILKHWSTGGFVSHCGWNSVMESMMFGVPIIGVPMHVDQPFNAGLVEEAGVGVEAKRDPDGKIQ
RDEVAKLIKEVVVEKTREDVRKKAREMSEILRSKGEEKFDEMVAEISLLLKIEHHHHHH
;
_entity_poly.pdbx_strand_id   A,B
#
loop_
_chem_comp.id
_chem_comp.type
_chem_comp.name
_chem_comp.formula
M7F non-polymer (2R,3S,4S,5R,6R)-2-(hydroxymethyl)-6-[[(3S,8S,9R,10S,11S,13R,14S,17S)-17-[(2S,5R)-5-[(2S,3R,4S,5R,6S)-6-(hydroxymethyl)-3-[(2S,3R,4S,5S,6R)-6-(hydroxymethyl)-3,4,5-tris(oxidanyl)oxan-2-yl]oxy-4,5-bis(oxidanyl)oxan-2-yl]oxy-6-methyl-6-oxidanyl-heptan-2-yl]-4,4,9,13,14-pentamethyl-11-oxidanyl-2,3,7,8,10,11,12,15,16,17-decahydro-1H-cyclopenta[a]phenanthren-3-yl]oxy]oxane-3,4,5-triol 'C48 H82 O19'
POG non-polymer (20S)-2,5,8,11,14,17-HEXAMETHYL-3,6,9,12,15,18-HEXAOXAHENICOSANE-1,20-DIOL 'C21 H44 O8'
TRS non-polymer 2-AMINO-2-HYDROXYMETHYL-PROPANE-1,3-DIOL 'C4 H12 N O3 1'
UDP RNA linking URIDINE-5'-DIPHOSPHATE 'C9 H14 N2 O12 P2'
#
# COMPACT_ATOMS: atom_id res chain seq x y z
N THR A 9 22.11 3.84 -18.73
CA THR A 9 20.74 3.47 -18.35
C THR A 9 20.20 2.39 -19.27
N THR A 10 19.77 1.27 -18.69
CA THR A 10 19.18 0.19 -19.47
C THR A 10 17.77 0.55 -19.93
N THR A 11 17.50 0.38 -21.22
CA THR A 11 16.23 0.76 -21.79
C THR A 11 15.44 -0.49 -22.18
N ILE A 12 14.13 -0.41 -22.02
CA ILE A 12 13.23 -1.52 -22.39
C ILE A 12 12.09 -0.94 -23.22
N LEU A 13 11.80 -1.54 -24.38
CA LEU A 13 10.59 -1.19 -25.11
C LEU A 13 9.51 -2.21 -24.79
N MET A 14 8.30 -1.73 -24.52
CA MET A 14 7.19 -2.62 -24.17
C MET A 14 6.13 -2.51 -25.25
N LEU A 15 5.65 -3.66 -25.73
CA LEU A 15 4.69 -3.72 -26.83
C LEU A 15 3.49 -4.55 -26.41
N PRO A 16 2.52 -3.96 -25.73
CA PRO A 16 1.25 -4.66 -25.44
C PRO A 16 0.48 -4.95 -26.71
N TRP A 17 -0.45 -5.91 -26.60
CA TRP A 17 -1.46 -6.01 -27.65
C TRP A 17 -2.44 -4.85 -27.48
N LEU A 18 -3.19 -4.56 -28.54
CA LEU A 18 -3.94 -3.32 -28.67
C LEU A 18 -5.23 -3.28 -27.85
N GLY A 19 -5.28 -3.96 -26.72
CA GLY A 19 -6.45 -3.97 -25.87
C GLY A 19 -6.19 -3.20 -24.59
N TYR A 20 -7.23 -2.53 -24.09
CA TYR A 20 -7.10 -1.72 -22.87
C TYR A 20 -6.60 -2.56 -21.70
N GLY A 21 -7.11 -3.79 -21.54
CA GLY A 21 -6.63 -4.63 -20.46
C GLY A 21 -5.16 -4.94 -20.56
N HIS A 22 -4.66 -5.08 -21.79
CA HIS A 22 -3.26 -5.38 -22.06
C HIS A 22 -2.38 -4.16 -21.80
N LEU A 23 -2.76 -3.00 -22.36
CA LEU A 23 -2.05 -1.77 -22.03
C LEU A 23 -2.02 -1.51 -20.53
N SER A 24 -3.13 -1.81 -19.83
CA SER A 24 -3.19 -1.62 -18.38
C SER A 24 -2.14 -2.46 -17.65
N ALA A 25 -2.09 -3.76 -17.96
CA ALA A 25 -1.16 -4.62 -17.25
C ALA A 25 0.28 -4.28 -17.61
N PHE A 26 0.52 -3.96 -18.89
CA PHE A 26 1.86 -3.54 -19.32
C PHE A 26 2.28 -2.24 -18.65
N LEU A 27 1.35 -1.32 -18.39
CA LEU A 27 1.77 -0.05 -17.78
C LEU A 27 2.13 -0.27 -16.31
N GLU A 28 1.40 -1.14 -15.61
CA GLU A 28 1.77 -1.46 -14.24
C GLU A 28 3.14 -2.13 -14.19
N LEU A 29 3.41 -3.01 -15.15
CA LEU A 29 4.73 -3.62 -15.21
C LEU A 29 5.79 -2.57 -15.57
N ALA A 30 5.44 -1.62 -16.45
CA ALA A 30 6.37 -0.54 -16.77
C ALA A 30 6.74 0.26 -15.53
N LYS A 31 5.76 0.56 -14.68
CA LYS A 31 6.05 1.31 -13.47
C LYS A 31 7.01 0.56 -12.58
N SER A 32 6.85 -0.76 -12.46
CA SER A 32 7.72 -1.51 -11.56
C SER A 32 9.16 -1.52 -12.05
N LEU A 33 9.35 -1.60 -13.37
CA LEU A 33 10.70 -1.50 -13.96
C LEU A 33 11.29 -0.11 -13.78
N SER A 34 10.46 0.93 -13.95
CA SER A 34 10.91 2.31 -13.73
C SER A 34 11.43 2.51 -12.31
N ARG A 35 10.72 1.97 -11.31
CA ARG A 35 11.20 2.05 -9.94
C ARG A 35 12.51 1.28 -9.74
N ARG A 36 12.85 0.38 -10.66
CA ARG A 36 14.12 -0.35 -10.61
C ARG A 36 15.14 0.24 -11.55
N ASN A 37 14.97 1.51 -11.93
CA ASN A 37 15.92 2.32 -12.68
C ASN A 37 16.03 1.93 -14.15
N PHE A 38 15.05 1.24 -14.71
CA PHE A 38 15.00 1.08 -16.15
C PHE A 38 14.32 2.28 -16.79
N HIS A 39 14.70 2.57 -18.03
CA HIS A 39 13.99 3.56 -18.85
C HIS A 39 13.08 2.81 -19.81
N ILE A 40 11.80 3.22 -19.87
CA ILE A 40 10.77 2.46 -20.58
C ILE A 40 10.30 3.24 -21.81
N TYR A 41 10.30 2.58 -22.95
CA TYR A 41 9.56 3.06 -24.13
C TYR A 41 8.27 2.27 -24.19
N PHE A 42 7.14 2.95 -24.07
CA PHE A 42 5.86 2.27 -24.00
C PHE A 42 5.19 2.49 -25.35
N CYS A 43 5.05 1.42 -26.14
CA CYS A 43 4.72 1.55 -27.57
C CYS A 43 3.34 0.98 -27.87
N SER A 44 2.46 1.81 -28.42
CA SER A 44 1.13 1.38 -28.84
C SER A 44 0.54 2.41 -29.81
N THR A 45 -0.68 2.13 -30.27
CA THR A 45 -1.35 3.08 -31.16
C THR A 45 -1.76 4.33 -30.38
N SER A 46 -1.94 5.43 -31.10
CA SER A 46 -2.19 6.72 -30.45
C SER A 46 -3.50 6.70 -29.66
N VAL A 47 -4.54 6.01 -30.16
CA VAL A 47 -5.79 5.96 -29.42
C VAL A 47 -5.60 5.23 -28.09
N ASN A 48 -4.79 4.17 -28.10
CA ASN A 48 -4.51 3.44 -26.87
C ASN A 48 -3.62 4.26 -25.94
N LEU A 49 -2.58 4.90 -26.48
CA LEU A 49 -1.76 5.76 -25.63
C LEU A 49 -2.60 6.87 -24.99
N ASP A 50 -3.53 7.46 -25.74
CA ASP A 50 -4.37 8.49 -25.13
C ASP A 50 -5.21 7.93 -24.00
N ALA A 51 -5.71 6.70 -24.16
CA ALA A 51 -6.64 6.13 -23.21
C ALA A 51 -5.95 5.77 -21.90
N ILE A 52 -4.67 5.39 -21.95
CA ILE A 52 -3.99 4.89 -20.77
C ILE A 52 -3.19 5.98 -20.04
N LYS A 53 -3.00 7.14 -20.66
CA LYS A 53 -2.16 8.19 -20.07
C LYS A 53 -2.69 8.70 -18.72
N PRO A 54 -4.01 8.80 -18.49
CA PRO A 54 -4.47 9.16 -17.13
C PRO A 54 -3.97 8.24 -16.02
N LYS A 55 -3.62 7.00 -16.33
CA LYS A 55 -3.15 6.07 -15.31
CA LYS A 55 -3.15 6.07 -15.31
C LYS A 55 -1.65 6.19 -15.05
N LEU A 56 -0.96 7.14 -15.69
CA LEU A 56 0.47 7.29 -15.46
C LEU A 56 0.78 8.58 -14.69
N PRO A 57 1.12 8.50 -13.40
CA PRO A 57 1.40 9.72 -12.65
C PRO A 57 2.57 10.50 -13.26
N SER A 58 2.57 11.82 -13.02
CA SER A 58 3.55 12.67 -13.70
C SER A 58 4.97 12.33 -13.30
N SER A 59 5.17 11.79 -12.09
CA SER A 59 6.50 11.44 -11.61
C SER A 59 7.18 10.40 -12.50
N PHE A 60 6.41 9.64 -13.27
CA PHE A 60 6.97 8.60 -14.14
C PHE A 60 7.35 9.09 -15.52
N SER A 61 6.96 10.31 -15.91
CA SER A 61 7.04 10.65 -17.32
C SER A 61 8.46 10.86 -17.82
N ASP A 62 9.40 11.11 -16.91
CA ASP A 62 10.80 11.21 -17.31
C ASP A 62 11.38 9.85 -17.67
N SER A 63 10.85 8.76 -17.12
CA SER A 63 11.41 7.43 -17.37
C SER A 63 10.45 6.46 -18.04
N ILE A 64 9.20 6.83 -18.27
CA ILE A 64 8.27 6.04 -19.07
C ILE A 64 7.76 6.96 -20.17
N GLN A 65 8.24 6.75 -21.38
CA GLN A 65 7.95 7.59 -22.53
C GLN A 65 7.07 6.82 -23.51
N PHE A 66 6.04 7.49 -24.02
CA PHE A 66 5.11 6.87 -24.95
C PHE A 66 5.64 6.99 -26.37
N VAL A 67 5.52 5.91 -27.13
CA VAL A 67 6.04 5.83 -28.49
C VAL A 67 4.90 5.34 -29.38
N GLU A 68 4.55 6.13 -30.38
CA GLU A 68 3.41 5.81 -31.24
C GLU A 68 3.79 4.79 -32.30
N LEU A 69 3.05 3.68 -32.33
CA LEU A 69 3.09 2.72 -33.40
C LEU A 69 2.00 3.08 -34.41
N HIS A 70 2.35 3.15 -35.68
CA HIS A 70 1.40 3.48 -36.72
C HIS A 70 0.90 2.21 -37.39
N LEU A 71 -0.39 2.05 -37.43
CA LEU A 71 -1.05 1.03 -38.21
C LEU A 71 -1.50 1.64 -39.53
N PRO A 72 -1.73 0.82 -40.55
CA PRO A 72 -2.30 1.37 -41.79
C PRO A 72 -3.66 1.98 -41.52
N SER A 73 -3.96 3.07 -42.21
CA SER A 73 -5.14 3.87 -41.91
CA SER A 73 -5.15 3.86 -41.91
C SER A 73 -5.94 4.11 -43.19
N SER A 74 -7.24 4.32 -43.02
CA SER A 74 -8.15 4.61 -44.12
C SER A 74 -9.40 5.25 -43.54
N PRO A 75 -10.16 5.99 -44.34
CA PRO A 75 -11.42 6.56 -43.83
C PRO A 75 -12.38 5.52 -43.29
N GLU A 76 -12.35 4.29 -43.82
CA GLU A 76 -13.18 3.21 -43.31
C GLU A 76 -12.58 2.55 -42.06
N PHE A 77 -11.30 2.79 -41.77
CA PHE A 77 -10.66 2.23 -40.58
C PHE A 77 -9.65 3.24 -40.05
N PRO A 78 -10.13 4.29 -39.41
CA PRO A 78 -9.23 5.40 -39.01
C PRO A 78 -8.55 5.14 -37.68
N PRO A 79 -7.54 5.94 -37.33
CA PRO A 79 -6.76 5.67 -36.10
C PRO A 79 -7.58 5.59 -34.83
N HIS A 80 -8.73 6.27 -34.71
CA HIS A 80 -9.44 6.13 -33.45
C HIS A 80 -10.04 4.74 -33.28
N LEU A 81 -10.05 3.91 -34.32
CA LEU A 81 -10.50 2.53 -34.21
C LEU A 81 -9.35 1.52 -34.07
N HIS A 82 -8.13 2.00 -33.85
CA HIS A 82 -6.98 1.08 -33.75
C HIS A 82 -6.80 0.58 -32.31
N THR A 83 -7.86 -0.03 -31.80
CA THR A 83 -7.93 -0.56 -30.45
C THR A 83 -9.12 -1.53 -30.39
N THR A 84 -9.06 -2.48 -29.46
CA THR A 84 -10.23 -3.30 -29.23
C THR A 84 -11.26 -2.62 -28.34
N ASN A 85 -10.88 -1.50 -27.73
CA ASN A 85 -11.74 -0.83 -26.77
C ASN A 85 -12.98 -0.29 -27.47
N GLY A 86 -14.14 -0.91 -27.21
CA GLY A 86 -15.36 -0.47 -27.83
C GLY A 86 -15.43 -0.78 -29.31
N LEU A 87 -14.57 -1.67 -29.81
CA LEU A 87 -14.52 -1.90 -31.25
C LEU A 87 -15.64 -2.86 -31.68
N PRO A 88 -16.36 -2.56 -32.77
CA PRO A 88 -17.31 -3.52 -33.31
C PRO A 88 -16.64 -4.86 -33.51
N PRO A 89 -17.20 -5.95 -32.98
CA PRO A 89 -16.51 -7.25 -33.08
C PRO A 89 -16.14 -7.63 -34.50
N THR A 90 -16.91 -7.17 -35.48
CA THR A 90 -16.61 -7.53 -36.86
C THR A 90 -15.45 -6.73 -37.44
N LEU A 91 -14.85 -5.80 -36.70
CA LEU A 91 -13.61 -5.16 -37.10
C LEU A 91 -12.37 -5.80 -36.51
N MET A 92 -12.54 -6.84 -35.69
CA MET A 92 -11.38 -7.50 -35.10
C MET A 92 -10.48 -8.15 -36.15
N PRO A 93 -11.00 -8.80 -37.20
CA PRO A 93 -10.08 -9.29 -38.24
C PRO A 93 -9.27 -8.18 -38.89
N ALA A 94 -9.88 -7.01 -39.08
CA ALA A 94 -9.14 -5.90 -39.68
C ALA A 94 -8.06 -5.37 -38.74
N LEU A 95 -8.39 -5.26 -37.44
CA LEU A 95 -7.42 -4.77 -36.47
C LEU A 95 -6.22 -5.69 -36.36
N HIS A 96 -6.46 -7.01 -36.36
CA HIS A 96 -5.34 -7.94 -36.29
C HIS A 96 -4.50 -7.87 -37.55
N GLN A 97 -5.14 -7.79 -38.72
CA GLN A 97 -4.38 -7.66 -39.96
C GLN A 97 -3.56 -6.37 -39.96
N ALA A 98 -4.18 -5.25 -39.52
CA ALA A 98 -3.44 -3.99 -39.47
C ALA A 98 -2.26 -4.07 -38.49
N PHE A 99 -2.45 -4.74 -37.35
CA PHE A 99 -1.37 -4.84 -36.38
C PHE A 99 -0.20 -5.62 -36.95
N SER A 100 -0.48 -6.71 -37.67
N SER A 100 -0.48 -6.73 -37.66
CA SER A 100 0.62 -7.46 -38.28
CA SER A 100 0.58 -7.47 -38.34
C SER A 100 1.34 -6.64 -39.35
C SER A 100 1.35 -6.57 -39.28
N MET A 101 0.65 -5.70 -40.00
CA MET A 101 1.31 -4.85 -40.98
C MET A 101 2.13 -3.73 -40.34
N ALA A 102 2.01 -3.54 -39.04
CA ALA A 102 2.82 -2.58 -38.33
C ALA A 102 4.23 -3.09 -38.05
N ALA A 103 4.54 -4.34 -38.44
CA ALA A 103 5.86 -4.90 -38.14
C ALA A 103 6.97 -4.08 -38.78
N GLN A 104 6.69 -3.41 -39.91
CA GLN A 104 7.71 -2.60 -40.57
C GLN A 104 8.01 -1.33 -39.77
N HIS A 105 6.97 -0.59 -39.38
CA HIS A 105 7.19 0.58 -38.52
C HIS A 105 7.83 0.16 -37.21
N PHE A 106 7.44 -1.00 -36.67
CA PHE A 106 8.01 -1.49 -35.44
C PHE A 106 9.51 -1.73 -35.59
N GLU A 107 9.93 -2.27 -36.75
CA GLU A 107 11.37 -2.43 -36.98
C GLU A 107 12.07 -1.08 -36.98
N SER A 108 11.48 -0.09 -37.66
CA SER A 108 12.09 1.24 -37.70
C SER A 108 12.21 1.84 -36.30
N ILE A 109 11.24 1.57 -35.44
CA ILE A 109 11.27 2.11 -34.09
C ILE A 109 12.39 1.45 -33.29
N LEU A 110 12.48 0.12 -33.36
CA LEU A 110 13.56 -0.59 -32.70
C LEU A 110 14.93 -0.12 -33.21
N GLN A 111 15.05 0.09 -34.53
CA GLN A 111 16.32 0.58 -35.06
C GLN A 111 16.64 1.97 -34.53
N THR A 112 15.63 2.85 -34.45
CA THR A 112 15.84 4.23 -34.03
C THR A 112 16.23 4.29 -32.57
N LEU A 113 15.44 3.65 -31.71
CA LEU A 113 15.61 3.73 -30.27
C LEU A 113 16.64 2.75 -29.72
N ALA A 114 16.90 1.65 -30.42
CA ALA A 114 17.86 0.63 -30.00
C ALA A 114 17.70 0.23 -28.52
N PRO A 115 16.50 -0.19 -28.11
CA PRO A 115 16.32 -0.62 -26.72
C PRO A 115 17.19 -1.82 -26.40
N HIS A 116 17.57 -1.94 -25.13
CA HIS A 116 18.32 -3.12 -24.70
C HIS A 116 17.45 -4.36 -24.57
N LEU A 117 16.13 -4.21 -24.45
CA LEU A 117 15.24 -5.33 -24.20
C LEU A 117 13.88 -4.99 -24.78
N LEU A 118 13.25 -5.98 -25.39
CA LEU A 118 11.85 -5.88 -25.79
C LEU A 118 11.01 -6.78 -24.89
N ILE A 119 9.90 -6.24 -24.38
CA ILE A 119 8.88 -7.04 -23.70
C ILE A 119 7.61 -6.95 -24.54
N TYR A 120 7.04 -8.12 -24.91
CA TYR A 120 6.01 -8.15 -25.93
C TYR A 120 4.86 -9.07 -25.51
N ASP A 121 3.68 -8.79 -26.04
CA ASP A 121 2.47 -9.55 -25.72
C ASP A 121 2.33 -10.81 -26.59
N SER A 122 1.31 -11.62 -26.28
CA SER A 122 1.17 -12.95 -26.85
C SER A 122 0.25 -12.97 -28.07
N LEU A 123 0.11 -11.83 -28.74
CA LEU A 123 -0.73 -11.74 -29.93
C LEU A 123 0.04 -11.15 -31.09
N GLN A 124 1.35 -11.36 -31.13
CA GLN A 124 2.21 -10.72 -32.13
C GLN A 124 3.47 -11.56 -32.35
N PRO A 125 3.33 -12.69 -33.06
CA PRO A 125 4.51 -13.56 -33.29
C PRO A 125 5.62 -12.85 -34.06
N TRP A 126 5.28 -11.85 -34.85
CA TRP A 126 6.30 -11.09 -35.56
C TRP A 126 7.19 -10.27 -34.61
N ALA A 127 6.72 -9.91 -33.41
CA ALA A 127 7.51 -9.03 -32.55
C ALA A 127 8.83 -9.65 -32.11
N PRO A 128 8.88 -10.87 -31.56
CA PRO A 128 10.20 -11.43 -31.20
C PRO A 128 11.07 -11.71 -32.42
N ARG A 129 10.45 -11.92 -33.58
CA ARG A 129 11.22 -12.11 -34.80
C ARG A 129 11.94 -10.84 -35.24
N VAL A 130 11.25 -9.70 -35.17
CA VAL A 130 11.90 -8.42 -35.48
C VAL A 130 13.02 -8.13 -34.48
N ALA A 131 12.76 -8.35 -33.18
CA ALA A 131 13.80 -8.12 -32.18
C ALA A 131 15.03 -8.96 -32.47
N SER A 132 14.82 -10.24 -32.76
CA SER A 132 15.93 -11.15 -33.01
C SER A 132 16.80 -10.65 -34.17
N SER A 133 16.16 -10.13 -35.22
CA SER A 133 16.90 -9.70 -36.40
C SER A 133 17.77 -8.50 -36.10
N LEU A 134 17.40 -7.70 -35.10
CA LEU A 134 18.18 -6.55 -34.65
C LEU A 134 19.08 -6.88 -33.46
N LYS A 135 19.17 -8.16 -33.12
CA LYS A 135 19.93 -8.63 -31.95
C LYS A 135 19.48 -7.94 -30.67
N ILE A 136 18.17 -7.83 -30.50
CA ILE A 136 17.58 -7.29 -29.27
C ILE A 136 16.90 -8.45 -28.55
N PRO A 137 17.34 -8.81 -27.34
CA PRO A 137 16.66 -9.88 -26.60
C PRO A 137 15.22 -9.51 -26.32
N ALA A 138 14.35 -10.52 -26.33
CA ALA A 138 12.93 -10.26 -26.18
C ALA A 138 12.31 -11.27 -25.21
N ILE A 139 11.42 -10.77 -24.35
CA ILE A 139 10.73 -11.56 -23.32
C ILE A 139 9.24 -11.35 -23.47
N ASN A 140 8.50 -12.45 -23.46
CA ASN A 140 7.04 -12.42 -23.55
C ASN A 140 6.44 -12.15 -22.17
N PHE A 141 5.45 -11.25 -22.12
CA PHE A 141 4.70 -10.96 -20.89
C PHE A 141 3.23 -11.25 -21.17
N ASN A 142 2.62 -12.11 -20.36
CA ASN A 142 1.23 -12.49 -20.50
C ASN A 142 0.36 -11.78 -19.49
N THR A 143 -0.74 -11.15 -19.95
CA THR A 143 -1.64 -10.42 -19.07
C THR A 143 -2.85 -11.23 -18.62
N THR A 144 -2.95 -12.46 -19.05
CA THR A 144 -3.81 -13.43 -18.40
C THR A 144 -3.12 -13.97 -17.15
N GLY A 145 -3.87 -14.75 -16.39
CA GLY A 145 -3.29 -15.67 -15.44
C GLY A 145 -2.73 -16.89 -16.16
N VAL A 146 -2.35 -17.89 -15.38
CA VAL A 146 -1.65 -19.02 -15.96
C VAL A 146 -2.61 -20.17 -16.24
N PHE A 147 -3.71 -20.25 -15.46
CA PHE A 147 -4.63 -21.39 -15.54
C PHE A 147 -5.09 -21.65 -16.97
N VAL A 148 -5.48 -20.60 -17.68
CA VAL A 148 -6.01 -20.79 -19.02
C VAL A 148 -4.94 -21.33 -19.96
N ILE A 149 -3.69 -20.87 -19.80
CA ILE A 149 -2.63 -21.32 -20.68
C ILE A 149 -2.34 -22.79 -20.45
N SER A 150 -2.22 -23.19 -19.17
CA SER A 150 -1.96 -24.60 -18.87
C SER A 150 -3.11 -25.48 -19.36
N GLN A 151 -4.34 -25.00 -19.24
CA GLN A 151 -5.49 -25.76 -19.72
C GLN A 151 -5.47 -25.92 -21.23
N GLY A 152 -4.95 -24.93 -21.96
CA GLY A 152 -4.88 -25.07 -23.40
C GLY A 152 -3.75 -25.96 -23.86
N LEU A 153 -2.63 -25.96 -23.13
CA LEU A 153 -1.45 -26.71 -23.55
C LEU A 153 -1.52 -28.17 -23.09
N HIS A 154 -2.18 -28.44 -21.97
CA HIS A 154 -2.29 -29.81 -21.48
C HIS A 154 -2.81 -30.82 -22.51
N PRO A 155 -3.91 -30.58 -23.24
CA PRO A 155 -4.44 -31.62 -24.13
C PRO A 155 -3.56 -31.88 -25.33
N ILE A 156 -2.63 -30.96 -25.62
CA ILE A 156 -1.69 -31.19 -26.70
C ILE A 156 -0.73 -32.31 -26.35
N HIS A 157 -0.32 -32.39 -25.10
CA HIS A 157 0.61 -33.41 -24.66
C HIS A 157 -0.07 -34.62 -24.04
N TYR A 158 -1.30 -34.46 -23.57
CA TYR A 158 -2.02 -35.53 -22.87
C TYR A 158 -3.47 -35.58 -23.35
N PRO A 159 -3.69 -35.98 -24.62
CA PRO A 159 -5.03 -35.90 -25.20
C PRO A 159 -6.07 -36.77 -24.52
N HIS A 160 -5.67 -37.86 -23.85
CA HIS A 160 -6.62 -38.81 -23.27
C HIS A 160 -6.68 -38.73 -21.75
N SER A 161 -6.04 -37.74 -21.13
CA SER A 161 -6.03 -37.62 -19.69
C SER A 161 -6.60 -36.26 -19.27
N LYS A 162 -7.36 -36.28 -18.18
CA LYS A 162 -7.96 -35.08 -17.64
C LYS A 162 -6.90 -34.16 -17.06
N PHE A 163 -7.15 -32.86 -17.16
CA PHE A 163 -6.24 -31.87 -16.60
C PHE A 163 -6.03 -32.13 -15.10
N PRO A 164 -4.79 -32.15 -14.63
CA PRO A 164 -4.54 -32.44 -13.21
C PRO A 164 -4.66 -31.19 -12.34
N PHE A 165 -4.77 -31.43 -11.03
CA PHE A 165 -4.81 -30.38 -10.02
C PHE A 165 -5.96 -29.41 -10.21
N SER A 166 -7.03 -29.83 -10.87
CA SER A 166 -8.25 -29.03 -10.91
C SER A 166 -9.43 -29.93 -11.28
N GLU A 167 -10.58 -29.66 -10.68
CA GLU A 167 -11.85 -30.27 -11.06
C GLU A 167 -12.66 -29.41 -12.01
N PHE A 168 -12.17 -28.22 -12.37
CA PHE A 168 -12.89 -27.34 -13.29
C PHE A 168 -13.25 -28.06 -14.58
N VAL A 169 -14.47 -27.81 -15.07
CA VAL A 169 -14.95 -28.34 -16.34
C VAL A 169 -15.47 -27.18 -17.18
N LEU A 170 -14.97 -27.04 -18.40
CA LEU A 170 -15.38 -25.97 -19.29
C LEU A 170 -16.75 -26.30 -19.89
N HIS A 171 -17.74 -25.44 -19.60
CA HIS A 171 -19.09 -25.60 -20.15
C HIS A 171 -19.03 -25.78 -21.67
N ASN A 172 -19.93 -26.63 -22.19
CA ASN A 172 -19.98 -26.89 -23.63
C ASN A 172 -20.18 -25.61 -24.44
N HIS A 173 -20.76 -24.57 -23.83
CA HIS A 173 -20.95 -23.31 -24.55
C HIS A 173 -19.64 -22.79 -25.12
N TRP A 174 -18.55 -22.95 -24.36
CA TRP A 174 -17.25 -22.48 -24.80
C TRP A 174 -16.42 -23.55 -25.49
N LYS A 175 -16.80 -24.83 -25.34
CA LYS A 175 -16.09 -25.90 -26.05
C LYS A 175 -16.21 -25.73 -27.56
N ALA A 176 -17.43 -25.64 -28.06
CA ALA A 176 -17.67 -25.54 -29.50
C ALA A 176 -17.29 -24.15 -30.02
N THR A 186 -11.12 -26.39 -37.90
CA THR A 186 -10.13 -27.13 -37.12
C THR A 186 -8.72 -26.65 -37.44
N GLU A 187 -8.44 -26.50 -38.74
CA GLU A 187 -7.13 -26.00 -39.15
C GLU A 187 -6.92 -24.56 -38.71
N ARG A 188 -7.95 -23.72 -38.85
CA ARG A 188 -7.85 -22.33 -38.43
C ARG A 188 -7.66 -22.23 -36.92
N THR A 189 -8.34 -23.09 -36.16
CA THR A 189 -8.16 -23.09 -34.72
C THR A 189 -6.73 -23.49 -34.34
N ARG A 190 -6.18 -24.48 -35.05
CA ARG A 190 -4.81 -24.88 -34.78
C ARG A 190 -3.85 -23.73 -35.05
N LYS A 191 -4.07 -23.01 -36.16
CA LYS A 191 -3.16 -21.93 -36.55
C LYS A 191 -3.16 -20.80 -35.52
N ARG A 192 -4.33 -20.48 -34.95
CA ARG A 192 -4.38 -19.51 -33.87
C ARG A 192 -3.55 -19.97 -32.67
N GLY A 193 -3.74 -21.22 -32.25
CA GLY A 193 -2.98 -21.74 -31.13
C GLY A 193 -1.49 -21.80 -31.39
N GLU A 194 -1.09 -22.06 -32.63
CA GLU A 194 0.33 -22.08 -32.96
C GLU A 194 0.95 -20.70 -32.83
N ALA A 195 0.23 -19.66 -33.24
CA ALA A 195 0.78 -18.32 -33.16
C ALA A 195 0.89 -17.87 -31.71
N PHE A 196 -0.11 -18.21 -30.89
CA PHE A 196 -0.08 -17.83 -29.48
C PHE A 196 1.06 -18.52 -28.76
N LEU A 197 1.20 -19.83 -28.98
CA LEU A 197 2.26 -20.55 -28.28
C LEU A 197 3.62 -20.12 -28.76
N TYR A 198 3.76 -19.81 -30.06
CA TYR A 198 5.02 -19.29 -30.54
C TYR A 198 5.47 -18.09 -29.71
N CYS A 199 4.55 -17.17 -29.40
CA CYS A 199 4.93 -16.01 -28.61
C CYS A 199 5.55 -16.42 -27.28
N LEU A 200 4.97 -17.44 -26.64
CA LEU A 200 5.53 -17.93 -25.38
C LEU A 200 6.84 -18.67 -25.60
N HIS A 201 6.86 -19.56 -26.58
CA HIS A 201 8.01 -20.42 -26.83
C HIS A 201 9.22 -19.63 -27.30
N ALA A 202 9.01 -18.57 -28.08
CA ALA A 202 10.10 -17.77 -28.61
C ALA A 202 10.75 -16.89 -27.55
N SER A 203 10.08 -16.71 -26.42
CA SER A 203 10.58 -15.82 -25.38
C SER A 203 11.98 -16.23 -24.90
N CYS A 204 12.82 -15.25 -24.63
CA CYS A 204 14.18 -15.54 -24.20
C CYS A 204 14.20 -15.96 -22.73
N SER A 205 14.58 -17.23 -22.49
CA SER A 205 14.87 -17.78 -21.16
C SER A 205 13.64 -17.93 -20.27
N VAL A 206 12.79 -16.91 -20.19
CA VAL A 206 11.65 -16.95 -19.29
C VAL A 206 10.44 -16.35 -19.99
N ILE A 207 9.26 -16.69 -19.48
CA ILE A 207 8.06 -15.91 -19.77
C ILE A 207 7.59 -15.24 -18.49
N LEU A 208 7.06 -14.03 -18.63
CA LEU A 208 6.48 -13.28 -17.52
C LEU A 208 4.96 -13.44 -17.54
N ILE A 209 4.36 -13.51 -16.36
CA ILE A 209 2.91 -13.58 -16.31
C ILE A 209 2.37 -12.86 -15.09
N ASN A 210 1.21 -12.21 -15.26
CA ASN A 210 0.57 -11.47 -14.18
C ASN A 210 -0.19 -12.45 -13.28
N SER A 211 0.56 -13.15 -12.45
CA SER A 211 -0.09 -14.03 -11.48
C SER A 211 0.76 -14.11 -10.21
N PHE A 212 0.38 -15.01 -9.32
CA PHE A 212 1.11 -15.16 -8.06
C PHE A 212 0.87 -16.57 -7.52
N ARG A 213 1.86 -17.05 -6.76
CA ARG A 213 1.93 -18.49 -6.49
C ARG A 213 0.84 -18.98 -5.55
N GLU A 214 0.37 -18.13 -4.61
CA GLU A 214 -0.68 -18.57 -3.70
C GLU A 214 -1.94 -18.97 -4.45
N LEU A 215 -2.15 -18.38 -5.62
CA LEU A 215 -3.32 -18.63 -6.43
C LEU A 215 -3.06 -19.64 -7.52
N GLU A 216 -1.87 -19.59 -8.15
CA GLU A 216 -1.65 -20.39 -9.35
C GLU A 216 -0.31 -21.13 -9.36
N GLY A 217 0.28 -21.39 -8.19
CA GLY A 217 1.60 -21.99 -8.13
C GLY A 217 1.71 -23.32 -8.87
N LYS A 218 0.82 -24.25 -8.57
CA LYS A 218 0.90 -25.57 -9.19
C LYS A 218 0.70 -25.49 -10.71
N TYR A 219 -0.08 -24.51 -11.18
CA TYR A 219 -0.28 -24.36 -12.62
C TYR A 219 0.95 -23.76 -13.30
N MET A 220 1.61 -22.80 -12.64
CA MET A 220 2.88 -22.27 -13.15
C MET A 220 3.90 -23.38 -13.30
N ASP A 221 4.05 -24.21 -12.26
CA ASP A 221 4.99 -25.33 -12.33
C ASP A 221 4.65 -26.25 -13.49
N TYR A 222 3.35 -26.57 -13.66
CA TYR A 222 2.96 -27.48 -14.74
C TYR A 222 3.19 -26.84 -16.10
N LEU A 223 2.82 -25.57 -16.24
CA LEU A 223 3.08 -24.88 -17.50
C LEU A 223 4.55 -24.88 -17.84
N SER A 224 5.40 -24.62 -16.85
CA SER A 224 6.84 -24.60 -17.09
C SER A 224 7.34 -25.95 -17.60
N VAL A 225 6.83 -27.05 -17.03
CA VAL A 225 7.23 -28.36 -17.54
C VAL A 225 6.74 -28.53 -18.97
N LEU A 226 5.48 -28.18 -19.26
CA LEU A 226 4.92 -28.41 -20.59
C LEU A 226 5.62 -27.56 -21.65
N LEU A 227 5.86 -26.28 -21.35
CA LEU A 227 6.57 -25.42 -22.31
C LEU A 227 8.07 -25.63 -22.30
N ASN A 228 8.61 -26.33 -21.31
CA ASN A 228 10.05 -26.43 -21.10
C ASN A 228 10.70 -25.05 -21.06
N LYS A 229 10.08 -24.12 -20.34
CA LYS A 229 10.59 -22.76 -20.16
C LYS A 229 10.21 -22.28 -18.77
N LYS A 230 11.09 -21.46 -18.18
CA LYS A 230 10.82 -20.89 -16.86
C LYS A 230 9.67 -19.88 -16.92
N VAL A 231 8.69 -20.07 -16.04
CA VAL A 231 7.56 -19.15 -15.88
C VAL A 231 7.81 -18.28 -14.66
N VAL A 232 7.86 -16.98 -14.86
CA VAL A 232 8.20 -16.04 -13.78
C VAL A 232 6.97 -15.19 -13.47
N PRO A 233 6.36 -15.33 -12.30
CA PRO A 233 5.21 -14.48 -11.96
C PRO A 233 5.68 -13.08 -11.57
N VAL A 234 4.90 -12.07 -11.94
CA VAL A 234 5.19 -10.67 -11.62
C VAL A 234 3.96 -10.02 -11.00
N GLY A 235 2.96 -10.82 -10.65
CA GLY A 235 1.75 -10.30 -10.04
C GLY A 235 1.70 -10.35 -8.52
N PRO A 236 0.69 -9.71 -7.93
CA PRO A 236 -0.45 -9.00 -8.55
C PRO A 236 -0.09 -7.65 -9.18
N LEU A 237 -0.49 -7.39 -10.42
CA LEU A 237 -0.36 -6.07 -11.03
C LEU A 237 -1.74 -5.43 -11.01
N VAL A 238 -1.89 -4.38 -10.21
CA VAL A 238 -3.20 -3.76 -9.96
C VAL A 238 -3.03 -2.26 -9.88
N TYR A 239 -3.70 -1.54 -10.77
CA TYR A 239 -3.67 -0.08 -10.75
C TYR A 239 -4.53 0.46 -9.61
N GLU A 240 -3.97 1.37 -8.83
CA GLU A 240 -4.77 2.07 -7.86
C GLU A 240 -4.66 3.56 -8.12
N PRO A 241 -5.77 4.28 -8.19
CA PRO A 241 -5.73 5.69 -8.59
C PRO A 241 -5.15 6.55 -7.47
N ASN A 242 -4.78 7.77 -7.87
CA ASN A 242 -4.22 8.82 -6.99
C ASN A 242 -3.51 8.32 -5.74
N ASP A 247 -15.04 13.75 -10.75
CA ASP A 247 -13.81 13.79 -11.55
C ASP A 247 -14.09 13.18 -12.92
N GLU A 248 -13.74 11.91 -13.10
CA GLU A 248 -14.22 11.14 -14.25
C GLU A 248 -15.64 10.64 -14.03
N GLY A 249 -16.51 11.50 -13.49
CA GLY A 249 -17.80 11.11 -13.02
C GLY A 249 -17.83 10.64 -11.58
N TYR A 250 -16.66 10.48 -10.94
CA TYR A 250 -16.62 9.78 -9.66
C TYR A 250 -17.30 10.57 -8.55
N SER A 251 -17.12 11.90 -8.54
CA SER A 251 -17.68 12.70 -7.46
C SER A 251 -19.18 12.46 -7.27
N SER A 252 -19.91 12.30 -8.38
CA SER A 252 -21.35 12.05 -8.28
C SER A 252 -21.63 10.61 -7.88
N ILE A 253 -20.85 9.67 -8.42
CA ILE A 253 -20.99 8.27 -8.04
C ILE A 253 -20.65 8.08 -6.57
N LYS A 254 -19.58 8.72 -6.12
CA LYS A 254 -19.20 8.64 -4.70
C LYS A 254 -20.30 9.15 -3.80
N ASN A 255 -20.91 10.29 -4.14
CA ASN A 255 -21.97 10.83 -3.30
C ASN A 255 -23.15 9.88 -3.24
N TRP A 256 -23.39 9.16 -4.34
CA TRP A 256 -24.46 8.17 -4.40
C TRP A 256 -24.13 6.95 -3.54
N LEU A 257 -22.90 6.45 -3.66
CA LEU A 257 -22.46 5.32 -2.83
C LEU A 257 -22.43 5.67 -1.36
N ASP A 258 -22.12 6.94 -1.03
CA ASP A 258 -22.03 7.37 0.35
C ASP A 258 -23.37 7.26 1.07
N LYS A 259 -24.47 7.21 0.32
CA LYS A 259 -25.80 7.08 0.90
C LYS A 259 -26.26 5.65 1.06
N LYS A 260 -25.45 4.66 0.65
CA LYS A 260 -25.84 3.27 0.75
C LYS A 260 -25.34 2.67 2.06
N GLU A 261 -25.85 1.50 2.38
CA GLU A 261 -25.37 0.73 3.53
C GLU A 261 -24.06 0.04 3.19
N PRO A 262 -23.25 -0.30 4.19
CA PRO A 262 -21.97 -0.96 3.91
C PRO A 262 -22.17 -2.27 3.15
N SER A 263 -21.30 -2.49 2.16
CA SER A 263 -21.22 -3.74 1.42
C SER A 263 -22.55 -4.14 0.78
N SER A 264 -23.30 -3.15 0.29
CA SER A 264 -24.68 -3.35 -0.14
C SER A 264 -24.87 -3.30 -1.65
N THR A 265 -23.81 -2.99 -2.40
CA THR A 265 -23.91 -2.57 -3.78
C THR A 265 -23.02 -3.44 -4.63
N VAL A 266 -23.51 -3.85 -5.80
CA VAL A 266 -22.66 -4.54 -6.78
C VAL A 266 -22.30 -3.57 -7.88
N PHE A 267 -21.04 -3.61 -8.31
CA PHE A 267 -20.60 -3.03 -9.56
C PHE A 267 -20.81 -4.09 -10.64
N VAL A 268 -21.22 -3.66 -11.83
CA VAL A 268 -21.49 -4.58 -12.93
C VAL A 268 -20.76 -4.06 -14.16
N SER A 269 -19.87 -4.90 -14.71
CA SER A 269 -19.10 -4.45 -15.86
C SER A 269 -18.64 -5.65 -16.68
N PHE A 270 -18.60 -5.48 -18.00
CA PHE A 270 -18.10 -6.54 -18.86
C PHE A 270 -16.83 -6.12 -19.59
N GLY A 271 -16.04 -5.27 -18.94
CA GLY A 271 -14.72 -4.95 -19.45
C GLY A 271 -14.76 -3.95 -20.61
N SER A 272 -13.68 -3.97 -21.38
CA SER A 272 -13.46 -2.97 -22.41
C SER A 272 -13.74 -3.47 -23.82
N GLU A 273 -13.93 -4.76 -24.05
CA GLU A 273 -14.05 -5.22 -25.41
C GLU A 273 -15.13 -6.28 -25.53
N TYR A 274 -16.26 -6.05 -24.90
CA TYR A 274 -17.37 -6.97 -25.05
C TYR A 274 -18.66 -6.20 -24.85
N PHE A 275 -19.63 -6.48 -25.70
CA PHE A 275 -20.95 -5.86 -25.63
C PHE A 275 -21.93 -7.00 -25.47
N PRO A 276 -22.46 -7.24 -24.28
CA PRO A 276 -23.46 -8.32 -24.14
C PRO A 276 -24.67 -8.05 -25.02
N SER A 277 -25.24 -9.14 -25.54
CA SER A 277 -26.39 -9.07 -26.42
C SER A 277 -27.62 -8.58 -25.66
N LYS A 278 -28.65 -8.17 -26.41
CA LYS A 278 -29.87 -7.78 -25.74
C LYS A 278 -30.38 -8.89 -24.83
N GLU A 279 -30.30 -10.14 -25.30
CA GLU A 279 -30.75 -11.28 -24.52
C GLU A 279 -29.99 -11.39 -23.20
N GLU A 280 -28.67 -11.26 -23.26
CA GLU A 280 -27.85 -11.34 -22.05
C GLU A 280 -28.18 -10.18 -21.10
N MET A 281 -28.27 -8.97 -21.63
CA MET A 281 -28.62 -7.82 -20.81
C MET A 281 -29.94 -8.03 -20.10
N GLU A 282 -30.90 -8.64 -20.79
CA GLU A 282 -32.21 -8.90 -20.19
C GLU A 282 -32.06 -9.79 -18.96
N GLU A 283 -31.29 -10.87 -19.07
CA GLU A 283 -31.14 -11.79 -17.95
C GLU A 283 -30.40 -11.14 -16.79
N ILE A 284 -29.35 -10.37 -17.09
CA ILE A 284 -28.60 -9.67 -16.04
C ILE A 284 -29.51 -8.67 -15.35
N ALA A 285 -30.26 -7.91 -16.14
CA ALA A 285 -31.14 -6.89 -15.57
C ALA A 285 -32.17 -7.51 -14.65
N HIS A 286 -32.85 -8.56 -15.12
CA HIS A 286 -33.85 -9.19 -14.28
C HIS A 286 -33.24 -9.85 -13.05
N GLY A 287 -32.01 -10.35 -13.17
CA GLY A 287 -31.32 -10.87 -12.00
C GLY A 287 -31.02 -9.80 -10.98
N LEU A 288 -30.62 -8.61 -11.45
CA LEU A 288 -30.36 -7.51 -10.53
C LEU A 288 -31.64 -7.06 -9.84
N GLU A 289 -32.72 -6.92 -10.61
CA GLU A 289 -34.00 -6.49 -10.06
C GLU A 289 -34.50 -7.45 -9.00
N ALA A 290 -34.52 -8.75 -9.32
CA ALA A 290 -35.04 -9.74 -8.38
C ALA A 290 -34.23 -9.76 -7.09
N SER A 291 -32.91 -9.54 -7.18
CA SER A 291 -32.07 -9.54 -5.98
C SER A 291 -32.39 -8.36 -5.05
N GLU A 292 -32.93 -7.26 -5.57
CA GLU A 292 -33.16 -6.02 -4.84
C GLU A 292 -31.86 -5.40 -4.31
N VAL A 293 -30.75 -5.72 -4.93
CA VAL A 293 -29.46 -5.15 -4.55
C VAL A 293 -29.36 -3.72 -5.10
N ASN A 294 -28.55 -2.89 -4.45
CA ASN A 294 -28.07 -1.67 -5.11
C ASN A 294 -27.07 -2.05 -6.18
N PHE A 295 -27.10 -1.34 -7.31
CA PHE A 295 -26.13 -1.65 -8.37
C PHE A 295 -25.68 -0.41 -9.13
N ILE A 296 -24.42 -0.43 -9.55
CA ILE A 296 -23.88 0.48 -10.57
C ILE A 296 -23.48 -0.37 -11.76
N TRP A 297 -24.04 -0.06 -12.93
CA TRP A 297 -23.88 -0.92 -14.10
C TRP A 297 -23.38 -0.07 -15.26
N VAL A 298 -22.21 -0.44 -15.79
CA VAL A 298 -21.59 0.22 -16.94
C VAL A 298 -22.15 -0.41 -18.20
N VAL A 299 -22.78 0.41 -19.03
CA VAL A 299 -23.43 -0.08 -20.25
C VAL A 299 -22.79 0.67 -21.40
N ARG A 300 -22.35 -0.07 -22.42
CA ARG A 300 -21.56 0.51 -23.49
C ARG A 300 -22.21 0.20 -24.83
N PHE A 301 -21.87 1.02 -25.81
CA PHE A 301 -22.36 0.87 -27.16
C PHE A 301 -21.19 0.97 -28.12
N PRO A 302 -21.27 0.26 -29.25
CA PRO A 302 -20.11 0.20 -30.15
C PRO A 302 -19.66 1.57 -30.62
N GLN A 303 -18.34 1.70 -30.78
CA GLN A 303 -17.74 2.89 -31.37
C GLN A 303 -18.14 3.01 -32.84
N ALA A 313 -31.46 -1.05 -24.87
CA ALA A 313 -30.54 -2.10 -24.44
C ALA A 313 -31.10 -2.88 -23.25
N LEU A 314 -31.78 -2.15 -22.33
CA LEU A 314 -32.33 -2.69 -21.08
C LEU A 314 -33.82 -2.97 -21.24
N PRO A 315 -34.37 -3.89 -20.44
CA PRO A 315 -35.82 -4.13 -20.50
C PRO A 315 -36.59 -2.87 -20.16
N LYS A 316 -37.76 -2.71 -20.79
CA LYS A 316 -38.58 -1.53 -20.56
C LYS A 316 -38.96 -1.43 -19.08
N GLY A 317 -38.78 -0.24 -18.51
CA GLY A 317 -39.16 0.03 -17.14
C GLY A 317 -38.17 -0.42 -16.09
N PHE A 318 -37.09 -1.11 -16.49
CA PHE A 318 -36.12 -1.62 -15.54
C PHE A 318 -35.52 -0.52 -14.68
N LEU A 319 -34.98 0.53 -15.31
CA LEU A 319 -34.39 1.61 -14.54
C LEU A 319 -35.44 2.31 -13.67
N GLU A 320 -36.66 2.45 -14.21
CA GLU A 320 -37.74 3.06 -13.44
C GLU A 320 -38.04 2.26 -12.19
N ARG A 321 -38.26 0.95 -12.33
CA ARG A 321 -38.60 0.13 -11.17
C ARG A 321 -37.44 0.06 -10.18
N ALA A 322 -36.21 0.21 -10.64
CA ALA A 322 -35.06 0.11 -9.74
C ALA A 322 -35.00 1.31 -8.81
N GLY A 323 -35.34 2.48 -9.32
CA GLY A 323 -35.30 3.68 -8.51
C GLY A 323 -33.89 4.09 -8.16
N GLU A 324 -33.74 4.65 -6.96
CA GLU A 324 -32.43 5.02 -6.45
C GLU A 324 -31.57 3.82 -6.08
N ARG A 325 -32.11 2.59 -6.20
CA ARG A 325 -31.30 1.39 -5.99
C ARG A 325 -30.28 1.18 -7.09
N GLY A 326 -30.58 1.61 -8.32
CA GLY A 326 -29.73 1.33 -9.46
C GLY A 326 -29.20 2.59 -10.10
N MET A 327 -28.01 2.47 -10.68
CA MET A 327 -27.39 3.54 -11.46
C MET A 327 -26.77 2.92 -12.71
N VAL A 328 -27.10 3.45 -13.88
CA VAL A 328 -26.41 3.05 -15.10
C VAL A 328 -25.41 4.13 -15.46
N VAL A 329 -24.16 3.72 -15.66
CA VAL A 329 -23.10 4.61 -16.11
C VAL A 329 -22.81 4.30 -17.56
N LYS A 330 -22.86 5.31 -18.41
CA LYS A 330 -22.68 5.10 -19.84
C LYS A 330 -21.20 5.17 -20.20
N GLY A 331 -20.75 4.18 -20.94
CA GLY A 331 -19.43 4.22 -21.55
C GLY A 331 -18.26 3.74 -20.72
N TRP A 332 -18.12 4.27 -19.51
CA TRP A 332 -16.94 4.04 -18.69
C TRP A 332 -17.19 4.56 -17.28
N ALA A 333 -16.60 3.88 -16.31
CA ALA A 333 -16.75 4.20 -14.90
C ALA A 333 -15.40 4.03 -14.21
N PRO A 334 -15.17 4.75 -13.11
CA PRO A 334 -13.95 4.56 -12.33
C PRO A 334 -13.99 3.26 -11.54
N GLN A 335 -13.64 2.16 -12.21
CA GLN A 335 -13.88 0.84 -11.63
C GLN A 335 -13.16 0.66 -10.29
N ALA A 336 -11.88 1.04 -10.20
CA ALA A 336 -11.12 0.82 -8.97
C ALA A 336 -11.71 1.60 -7.80
N LYS A 337 -11.99 2.88 -8.00
CA LYS A 337 -12.57 3.67 -6.92
C LYS A 337 -13.89 3.08 -6.45
N ILE A 338 -14.72 2.60 -7.37
CA ILE A 338 -16.00 2.01 -6.99
C ILE A 338 -15.75 0.74 -6.18
N LEU A 339 -14.88 -0.15 -6.68
CA LEU A 339 -14.64 -1.41 -5.97
C LEU A 339 -14.07 -1.19 -4.58
N LYS A 340 -13.35 -0.07 -4.38
CA LYS A 340 -12.75 0.20 -3.09
C LYS A 340 -13.70 0.85 -2.10
N HIS A 341 -14.87 1.29 -2.56
CA HIS A 341 -15.79 2.01 -1.70
C HIS A 341 -16.40 1.08 -0.65
N TRP A 342 -16.57 1.61 0.57
CA TRP A 342 -17.13 0.84 1.68
C TRP A 342 -18.51 0.27 1.39
N SER A 343 -19.26 0.89 0.47
CA SER A 343 -20.60 0.43 0.13
C SER A 343 -20.63 -0.71 -0.87
N THR A 344 -19.50 -1.10 -1.45
CA THR A 344 -19.49 -2.10 -2.51
C THR A 344 -19.30 -3.49 -1.90
N GLY A 345 -20.27 -4.37 -2.11
CA GLY A 345 -20.24 -5.68 -1.51
C GLY A 345 -20.00 -6.80 -2.49
N GLY A 346 -19.99 -6.49 -3.78
CA GLY A 346 -19.84 -7.53 -4.80
C GLY A 346 -19.56 -6.94 -6.15
N PHE A 347 -19.09 -7.79 -7.06
CA PHE A 347 -18.67 -7.37 -8.39
C PHE A 347 -19.23 -8.40 -9.36
N VAL A 348 -20.29 -8.05 -10.08
CA VAL A 348 -20.79 -8.87 -11.18
C VAL A 348 -19.89 -8.59 -12.38
N SER A 349 -19.03 -9.56 -12.73
CA SER A 349 -17.90 -9.34 -13.63
C SER A 349 -17.83 -10.38 -14.74
N HIS A 350 -17.41 -9.94 -15.94
CA HIS A 350 -17.10 -10.86 -17.02
C HIS A 350 -15.84 -11.66 -16.75
N CYS A 351 -15.13 -11.35 -15.67
CA CYS A 351 -13.97 -12.10 -15.21
C CYS A 351 -12.77 -11.92 -16.15
N GLY A 352 -12.66 -10.78 -16.81
CA GLY A 352 -11.37 -10.40 -17.34
C GLY A 352 -10.36 -10.32 -16.23
N TRP A 353 -9.09 -10.60 -16.55
CA TRP A 353 -8.13 -10.92 -15.50
C TRP A 353 -7.74 -9.70 -14.69
N ASN A 354 -7.64 -8.54 -15.31
CA ASN A 354 -7.37 -7.35 -14.52
C ASN A 354 -8.51 -7.10 -13.53
N SER A 355 -9.76 -7.32 -13.97
CA SER A 355 -10.88 -7.10 -13.06
CA SER A 355 -10.88 -7.10 -13.06
C SER A 355 -10.86 -8.12 -11.92
N VAL A 356 -10.45 -9.35 -12.21
CA VAL A 356 -10.36 -10.36 -11.15
C VAL A 356 -9.24 -9.98 -10.17
N MET A 357 -8.09 -9.56 -10.70
CA MET A 357 -6.97 -9.18 -9.85
C MET A 357 -7.32 -8.00 -8.96
N GLU A 358 -7.96 -6.98 -9.55
CA GLU A 358 -8.44 -5.82 -8.78
C GLU A 358 -9.41 -6.24 -7.69
N SER A 359 -10.38 -7.08 -8.02
CA SER A 359 -11.38 -7.47 -7.02
C SER A 359 -10.72 -8.24 -5.87
N MET A 360 -9.79 -9.14 -6.19
CA MET A 360 -9.05 -9.83 -5.12
C MET A 360 -8.25 -8.85 -4.27
N MET A 361 -7.52 -7.94 -4.90
CA MET A 361 -6.74 -6.95 -4.16
C MET A 361 -7.63 -6.13 -3.22
N PHE A 362 -8.81 -5.72 -3.70
CA PHE A 362 -9.70 -4.85 -2.94
C PHE A 362 -10.64 -5.63 -2.04
N GLY A 363 -10.63 -6.96 -2.11
CA GLY A 363 -11.41 -7.81 -1.25
C GLY A 363 -12.90 -7.86 -1.53
N VAL A 364 -13.30 -7.65 -2.79
CA VAL A 364 -14.70 -7.63 -3.17
C VAL A 364 -15.04 -8.97 -3.83
N PRO A 365 -15.98 -9.74 -3.28
CA PRO A 365 -16.35 -11.02 -3.90
C PRO A 365 -16.84 -10.85 -5.33
N ILE A 366 -16.42 -11.79 -6.17
CA ILE A 366 -16.80 -11.76 -7.57
C ILE A 366 -18.00 -12.65 -7.79
N ILE A 367 -18.97 -12.14 -8.54
CA ILE A 367 -20.08 -12.92 -9.06
C ILE A 367 -19.81 -13.04 -10.56
N GLY A 368 -19.36 -14.21 -10.99
CA GLY A 368 -18.82 -14.35 -12.34
C GLY A 368 -19.90 -14.59 -13.39
N VAL A 369 -19.87 -13.77 -14.44
CA VAL A 369 -20.67 -13.91 -15.65
C VAL A 369 -19.69 -13.85 -16.81
N PRO A 370 -18.82 -14.85 -16.96
CA PRO A 370 -17.82 -14.82 -18.04
C PRO A 370 -18.48 -14.85 -19.42
N MET A 371 -17.79 -14.24 -20.39
CA MET A 371 -18.32 -14.10 -21.73
C MET A 371 -17.54 -14.88 -22.79
N HIS A 372 -16.22 -14.70 -22.89
CA HIS A 372 -15.44 -15.48 -23.86
C HIS A 372 -13.95 -15.37 -23.54
N VAL A 373 -13.12 -15.82 -24.50
CA VAL A 373 -11.68 -16.00 -24.38
C VAL A 373 -11.33 -16.57 -23.00
N ASP A 374 -10.38 -15.98 -22.27
CA ASP A 374 -9.93 -16.59 -21.01
C ASP A 374 -10.97 -16.51 -19.89
N GLN A 375 -12.03 -15.71 -20.06
CA GLN A 375 -12.92 -15.43 -18.94
C GLN A 375 -13.58 -16.67 -18.29
N PRO A 376 -14.06 -17.67 -19.01
CA PRO A 376 -14.66 -18.81 -18.30
C PRO A 376 -13.63 -19.55 -17.45
N PHE A 377 -12.35 -19.53 -17.85
CA PHE A 377 -11.31 -20.17 -17.05
C PHE A 377 -11.03 -19.37 -15.79
N ASN A 378 -10.99 -18.04 -15.92
CA ASN A 378 -10.79 -17.17 -14.77
C ASN A 378 -11.92 -17.32 -13.75
N ALA A 379 -13.16 -17.45 -14.24
CA ALA A 379 -14.26 -17.60 -13.30
C ALA A 379 -14.14 -18.93 -12.57
N GLY A 380 -13.67 -19.96 -13.29
CA GLY A 380 -13.44 -21.25 -12.67
C GLY A 380 -12.38 -21.22 -11.60
N LEU A 381 -11.34 -20.41 -11.79
CA LEU A 381 -10.29 -20.30 -10.78
C LEU A 381 -10.80 -19.54 -9.57
N VAL A 382 -11.53 -18.43 -9.79
CA VAL A 382 -12.18 -17.69 -8.72
C VAL A 382 -13.02 -18.61 -7.86
N GLU A 383 -13.88 -19.41 -8.50
CA GLU A 383 -14.75 -20.33 -7.76
C GLU A 383 -13.93 -21.35 -6.98
N GLU A 384 -12.92 -21.94 -7.64
CA GLU A 384 -12.03 -22.91 -7.00
C GLU A 384 -11.36 -22.33 -5.77
N ALA A 385 -10.87 -21.09 -5.87
CA ALA A 385 -10.21 -20.42 -4.75
C ALA A 385 -11.20 -20.02 -3.67
N GLY A 386 -12.49 -19.93 -4.00
CA GLY A 386 -13.49 -19.61 -3.02
C GLY A 386 -13.68 -18.14 -2.75
N VAL A 387 -13.05 -17.27 -3.55
CA VAL A 387 -13.20 -15.83 -3.38
C VAL A 387 -14.36 -15.28 -4.20
N GLY A 388 -15.07 -16.13 -4.91
CA GLY A 388 -16.20 -15.71 -5.68
C GLY A 388 -16.96 -16.92 -6.12
N VAL A 389 -18.00 -16.68 -6.93
CA VAL A 389 -18.90 -17.72 -7.39
C VAL A 389 -19.18 -17.45 -8.85
N GLU A 390 -19.63 -18.46 -9.56
CA GLU A 390 -19.91 -18.36 -10.98
C GLU A 390 -21.39 -18.60 -11.23
N ALA A 391 -22.04 -17.65 -11.88
CA ALA A 391 -23.39 -17.86 -12.36
C ALA A 391 -23.33 -18.81 -13.55
N LYS A 392 -23.95 -19.98 -13.42
CA LYS A 392 -23.83 -21.00 -14.45
C LYS A 392 -24.81 -20.73 -15.58
N ARG A 393 -24.38 -21.05 -16.80
CA ARG A 393 -25.25 -20.93 -17.97
C ARG A 393 -26.09 -22.18 -18.13
N ASP A 394 -27.21 -22.00 -18.83
CA ASP A 394 -28.12 -23.09 -19.21
C ASP A 394 -27.40 -24.06 -20.15
N PRO A 395 -27.94 -25.27 -20.36
CA PRO A 395 -27.31 -26.18 -21.33
C PRO A 395 -27.10 -25.56 -22.70
N ASP A 396 -28.02 -24.71 -23.16
CA ASP A 396 -27.86 -24.09 -24.47
C ASP A 396 -27.01 -22.83 -24.43
N GLY A 397 -26.41 -22.51 -23.28
CA GLY A 397 -25.46 -21.42 -23.18
C GLY A 397 -26.03 -20.10 -22.73
N LYS A 398 -27.34 -20.04 -22.43
CA LYS A 398 -27.96 -18.80 -22.01
C LYS A 398 -27.65 -18.47 -20.56
N ILE A 399 -27.46 -17.17 -20.28
CA ILE A 399 -27.40 -16.70 -18.91
C ILE A 399 -28.77 -16.90 -18.24
N GLN A 400 -28.75 -17.15 -16.94
CA GLN A 400 -29.98 -17.41 -16.17
C GLN A 400 -30.19 -16.30 -15.15
N ARG A 401 -31.27 -15.53 -15.33
CA ARG A 401 -31.60 -14.48 -14.38
C ARG A 401 -31.74 -15.02 -12.96
N ASP A 402 -32.18 -16.27 -12.81
CA ASP A 402 -32.33 -16.85 -11.47
C ASP A 402 -30.99 -17.13 -10.83
N GLU A 403 -30.00 -17.57 -11.62
CA GLU A 403 -28.64 -17.74 -11.13
C GLU A 403 -28.06 -16.42 -10.65
N VAL A 404 -28.12 -15.39 -11.50
CA VAL A 404 -27.60 -14.07 -11.13
C VAL A 404 -28.24 -13.58 -9.84
N ALA A 405 -29.58 -13.65 -9.76
CA ALA A 405 -30.28 -13.20 -8.57
C ALA A 405 -29.88 -13.99 -7.33
N LYS A 406 -29.85 -15.33 -7.45
CA LYS A 406 -29.57 -16.16 -6.27
C LYS A 406 -28.18 -15.86 -5.70
N LEU A 407 -27.19 -15.74 -6.57
CA LEU A 407 -25.82 -15.52 -6.11
C LEU A 407 -25.63 -14.12 -5.52
N ILE A 408 -26.26 -13.11 -6.13
CA ILE A 408 -26.21 -11.76 -5.54
C ILE A 408 -26.90 -11.73 -4.18
N LYS A 409 -28.04 -12.41 -4.07
CA LYS A 409 -28.73 -12.52 -2.79
C LYS A 409 -27.83 -13.18 -1.75
N GLU A 410 -27.19 -14.30 -2.11
CA GLU A 410 -26.44 -15.07 -1.12
C GLU A 410 -25.13 -14.39 -0.76
N VAL A 411 -24.50 -13.74 -1.72
CA VAL A 411 -23.19 -13.13 -1.47
C VAL A 411 -23.31 -11.73 -0.90
N VAL A 412 -24.23 -10.92 -1.40
CA VAL A 412 -24.25 -9.49 -1.14
C VAL A 412 -25.44 -9.08 -0.26
N VAL A 413 -26.66 -9.47 -0.65
CA VAL A 413 -27.83 -8.91 0.03
C VAL A 413 -28.04 -9.58 1.38
N GLU A 414 -28.15 -10.91 1.40
CA GLU A 414 -28.33 -11.63 2.66
C GLU A 414 -27.02 -12.05 3.29
N LYS A 415 -25.95 -12.12 2.51
CA LYS A 415 -24.62 -12.51 2.97
C LYS A 415 -24.65 -13.82 3.75
N THR A 416 -25.35 -14.81 3.19
CA THR A 416 -25.31 -16.15 3.76
C THR A 416 -24.09 -16.95 3.31
N ARG A 417 -23.36 -16.46 2.31
CA ARG A 417 -22.09 -17.05 1.90
C ARG A 417 -20.94 -16.37 2.64
N GLU A 418 -21.02 -16.42 3.98
CA GLU A 418 -19.95 -15.89 4.83
C GLU A 418 -18.60 -16.44 4.40
N ASP A 419 -18.56 -17.72 4.02
CA ASP A 419 -17.29 -18.34 3.62
C ASP A 419 -16.66 -17.62 2.43
N VAL A 420 -17.47 -17.20 1.45
CA VAL A 420 -16.90 -16.50 0.30
C VAL A 420 -16.38 -15.14 0.72
N ARG A 421 -17.11 -14.42 1.57
CA ARG A 421 -16.66 -13.11 2.00
C ARG A 421 -15.38 -13.22 2.82
N LYS A 422 -15.24 -14.25 3.65
CA LYS A 422 -14.03 -14.40 4.45
C LYS A 422 -12.82 -14.68 3.58
N LYS A 423 -12.92 -15.62 2.62
CA LYS A 423 -11.78 -15.91 1.75
C LYS A 423 -11.41 -14.71 0.90
N ALA A 424 -12.40 -13.97 0.41
CA ALA A 424 -12.11 -12.73 -0.28
C ALA A 424 -11.32 -11.78 0.60
N ARG A 425 -11.70 -11.68 1.88
CA ARG A 425 -10.94 -10.82 2.78
C ARG A 425 -9.54 -11.37 2.99
N GLU A 426 -9.43 -12.68 3.26
CA GLU A 426 -8.11 -13.27 3.45
C GLU A 426 -7.24 -13.16 2.20
N MET A 427 -7.84 -13.23 1.01
CA MET A 427 -7.06 -13.02 -0.21
C MET A 427 -6.59 -11.58 -0.33
N SER A 428 -7.48 -10.63 0.01
CA SER A 428 -7.07 -9.23 -0.03
C SER A 428 -5.88 -8.97 0.89
N GLU A 429 -5.89 -9.56 2.09
CA GLU A 429 -4.77 -9.38 3.01
C GLU A 429 -3.49 -9.98 2.46
N ILE A 430 -3.57 -11.16 1.84
CA ILE A 430 -2.38 -11.75 1.22
C ILE A 430 -1.83 -10.80 0.15
N LEU A 431 -2.69 -10.36 -0.76
CA LEU A 431 -2.24 -9.52 -1.85
C LEU A 431 -1.72 -8.16 -1.36
N ARG A 432 -2.31 -7.62 -0.30
CA ARG A 432 -1.83 -6.36 0.26
C ARG A 432 -0.49 -6.53 0.96
N SER A 433 -0.12 -7.75 1.33
CA SER A 433 1.16 -7.99 1.97
C SER A 433 2.32 -7.97 0.97
N LYS A 434 2.05 -8.09 -0.33
CA LYS A 434 3.11 -8.13 -1.32
C LYS A 434 3.69 -6.75 -1.55
N GLY A 435 4.97 -6.71 -1.91
CA GLY A 435 5.64 -5.46 -2.16
C GLY A 435 6.51 -5.52 -3.40
N GLU A 436 7.61 -4.77 -3.37
CA GLU A 436 8.48 -4.70 -4.53
C GLU A 436 9.22 -6.01 -4.79
N GLU A 437 9.26 -6.90 -3.81
CA GLU A 437 9.97 -8.16 -3.98
C GLU A 437 9.34 -9.06 -5.05
N LYS A 438 8.07 -8.84 -5.38
CA LYS A 438 7.43 -9.62 -6.43
C LYS A 438 8.06 -9.42 -7.80
N PHE A 439 8.93 -8.41 -7.97
CA PHE A 439 9.60 -8.17 -9.23
C PHE A 439 11.07 -8.58 -9.21
N ASP A 440 11.57 -9.09 -8.09
CA ASP A 440 12.99 -9.43 -7.99
C ASP A 440 13.39 -10.48 -9.02
N GLU A 441 12.57 -11.54 -9.16
CA GLU A 441 12.92 -12.62 -10.08
C GLU A 441 12.99 -12.11 -11.50
N MET A 442 11.99 -11.33 -11.91
CA MET A 442 12.02 -10.72 -13.25
C MET A 442 13.28 -9.91 -13.46
N VAL A 443 13.60 -9.04 -12.50
CA VAL A 443 14.75 -8.16 -12.68
C VAL A 443 16.03 -8.97 -12.79
N ALA A 444 16.14 -10.06 -12.01
CA ALA A 444 17.36 -10.85 -12.05
C ALA A 444 17.51 -11.58 -13.37
N GLU A 445 16.41 -12.11 -13.90
CA GLU A 445 16.43 -12.76 -15.19
C GLU A 445 16.80 -11.78 -16.29
N ILE A 446 16.24 -10.56 -16.24
CA ILE A 446 16.58 -9.56 -17.22
C ILE A 446 18.08 -9.24 -17.15
N SER A 447 18.58 -9.06 -15.93
CA SER A 447 20.00 -8.77 -15.73
C SER A 447 20.86 -9.86 -16.34
N LEU A 448 20.55 -11.12 -16.04
CA LEU A 448 21.32 -12.23 -16.58
C LEU A 448 21.25 -12.23 -18.10
N LEU A 449 20.04 -12.17 -18.64
CA LEU A 449 19.85 -12.28 -20.08
C LEU A 449 20.66 -11.22 -20.83
N LEU A 450 20.66 -9.98 -20.33
CA LEU A 450 21.41 -8.94 -21.03
C LEU A 450 22.92 -9.15 -20.89
N LYS A 451 23.39 -9.58 -19.72
CA LYS A 451 24.82 -9.85 -19.57
C LYS A 451 25.28 -10.96 -20.50
N ILE A 452 24.44 -11.97 -20.72
CA ILE A 452 24.79 -13.06 -21.65
C ILE A 452 24.83 -12.53 -23.07
N GLU A 453 23.77 -11.83 -23.48
CA GLU A 453 23.68 -11.41 -24.86
C GLU A 453 24.69 -10.31 -25.18
N HIS A 454 25.12 -9.55 -24.18
CA HIS A 454 26.19 -8.59 -24.41
C HIS A 454 27.48 -9.30 -24.82
N HIS A 455 27.80 -10.41 -24.15
CA HIS A 455 28.93 -11.23 -24.58
C HIS A 455 28.78 -11.68 -26.03
N HIS A 456 27.62 -12.23 -26.38
CA HIS A 456 27.47 -12.81 -27.71
C HIS A 456 27.37 -11.77 -28.81
N HIS A 457 27.22 -10.49 -28.46
CA HIS A 457 27.23 -9.44 -29.48
C HIS A 457 28.30 -8.39 -29.17
N THR B 9 26.00 10.70 -7.22
CA THR B 9 24.96 10.27 -6.31
C THR B 9 24.96 11.16 -5.09
N THR B 10 23.82 11.76 -4.80
CA THR B 10 23.69 12.66 -3.65
C THR B 10 23.57 11.86 -2.36
N THR B 11 24.40 12.20 -1.38
CA THR B 11 24.48 11.48 -0.12
C THR B 11 23.88 12.32 1.01
N ILE B 12 23.17 11.64 1.91
CA ILE B 12 22.56 12.28 3.07
C ILE B 12 22.91 11.43 4.28
N LEU B 13 23.43 12.06 5.34
CA LEU B 13 23.61 11.38 6.61
C LEU B 13 22.46 11.75 7.52
N MET B 14 21.92 10.76 8.21
CA MET B 14 20.77 10.95 9.07
C MET B 14 21.13 10.62 10.51
N LEU B 15 20.82 11.54 11.40
CA LEU B 15 21.17 11.43 12.82
C LEU B 15 19.92 11.55 13.69
N PRO B 16 19.23 10.45 13.93
CA PRO B 16 18.11 10.45 14.89
C PRO B 16 18.59 10.58 16.34
N TRP B 17 17.70 11.06 17.20
CA TRP B 17 17.98 10.89 18.63
C TRP B 17 17.98 9.38 18.97
N LEU B 18 18.60 9.04 20.10
CA LEU B 18 18.88 7.65 20.47
C LEU B 18 17.68 6.85 20.97
N GLY B 19 16.47 7.21 20.55
CA GLY B 19 15.27 6.52 20.98
C GLY B 19 14.69 5.70 19.85
N TYR B 20 14.09 4.55 20.21
CA TYR B 20 13.61 3.60 19.21
C TYR B 20 12.56 4.24 18.29
N GLY B 21 11.66 5.03 18.85
CA GLY B 21 10.66 5.70 18.03
C GLY B 21 11.28 6.68 17.07
N HIS B 22 12.40 7.29 17.47
CA HIS B 22 13.09 8.24 16.61
C HIS B 22 13.83 7.52 15.50
N LEU B 23 14.57 6.47 15.85
CA LEU B 23 15.22 5.66 14.84
C LEU B 23 14.21 5.10 13.85
N SER B 24 13.02 4.72 14.34
CA SER B 24 12.00 4.12 13.47
C SER B 24 11.49 5.11 12.43
N ALA B 25 11.20 6.35 12.88
CA ALA B 25 10.68 7.36 11.96
C ALA B 25 11.76 7.79 10.97
N PHE B 26 13.01 7.94 11.43
CA PHE B 26 14.10 8.28 10.53
C PHE B 26 14.34 7.20 9.48
N LEU B 27 14.18 5.93 9.87
CA LEU B 27 14.44 4.87 8.91
C LEU B 27 13.37 4.83 7.84
N GLU B 28 12.11 5.10 8.22
CA GLU B 28 11.08 5.18 7.19
C GLU B 28 11.38 6.34 6.25
N LEU B 29 11.86 7.47 6.79
CA LEU B 29 12.24 8.58 5.93
C LEU B 29 13.43 8.20 5.07
N ALA B 30 14.36 7.39 5.62
CA ALA B 30 15.52 6.99 4.83
C ALA B 30 15.10 6.19 3.62
N LYS B 31 14.16 5.26 3.78
CA LYS B 31 13.68 4.46 2.65
C LYS B 31 13.06 5.34 1.59
N SER B 32 12.28 6.36 2.00
CA SER B 32 11.63 7.20 1.01
CA SER B 32 11.63 7.23 1.02
C SER B 32 12.66 7.96 0.16
N LEU B 33 13.75 8.42 0.79
CA LEU B 33 14.83 9.10 0.06
C LEU B 33 15.61 8.12 -0.80
N SER B 34 15.86 6.91 -0.31
CA SER B 34 16.48 5.87 -1.14
C SER B 34 15.68 5.60 -2.39
N ARG B 35 14.36 5.58 -2.29
CA ARG B 35 13.54 5.37 -3.47
C ARG B 35 13.63 6.54 -4.45
N ARG B 36 14.05 7.72 -3.98
CA ARG B 36 14.31 8.86 -4.84
C ARG B 36 15.79 8.98 -5.22
N ASN B 37 16.55 7.90 -5.08
CA ASN B 37 17.93 7.78 -5.55
C ASN B 37 18.94 8.56 -4.71
N PHE B 38 18.60 8.91 -3.48
CA PHE B 38 19.65 9.34 -2.56
C PHE B 38 20.36 8.13 -1.97
N HIS B 39 21.63 8.32 -1.64
CA HIS B 39 22.40 7.38 -0.84
C HIS B 39 22.44 7.86 0.61
N ILE B 40 22.16 6.96 1.55
CA ILE B 40 21.86 7.33 2.93
C ILE B 40 22.91 6.72 3.87
N TYR B 41 23.53 7.55 4.68
CA TYR B 41 24.28 7.08 5.84
C TYR B 41 23.39 7.22 7.07
N PHE B 42 23.05 6.12 7.71
CA PHE B 42 22.11 6.11 8.84
C PHE B 42 22.94 5.93 10.11
N CYS B 43 23.01 6.97 10.93
CA CYS B 43 24.04 7.04 11.97
C CYS B 43 23.40 6.95 13.35
N SER B 44 23.80 5.93 14.12
CA SER B 44 23.38 5.85 15.51
C SER B 44 24.36 4.98 16.29
N THR B 45 24.07 4.80 17.57
CA THR B 45 24.86 3.89 18.40
C THR B 45 24.61 2.46 17.95
N SER B 46 25.56 1.58 18.26
CA SER B 46 25.48 0.20 17.77
C SER B 46 24.26 -0.53 18.32
N VAL B 47 23.88 -0.28 19.58
CA VAL B 47 22.73 -0.95 20.15
C VAL B 47 21.44 -0.52 19.44
N ASN B 48 21.36 0.75 19.04
CA ASN B 48 20.19 1.20 18.27
C ASN B 48 20.22 0.67 16.84
N LEU B 49 21.40 0.66 16.21
CA LEU B 49 21.47 0.12 14.86
C LEU B 49 21.08 -1.35 14.85
N ASP B 50 21.49 -2.11 15.87
CA ASP B 50 21.10 -3.52 15.90
C ASP B 50 19.59 -3.67 16.07
N ALA B 51 18.97 -2.79 16.84
CA ALA B 51 17.55 -2.93 17.14
C ALA B 51 16.69 -2.64 15.92
N ILE B 52 17.16 -1.74 15.03
N ILE B 52 17.13 -1.73 15.03
CA ILE B 52 16.34 -1.31 13.90
CA ILE B 52 16.29 -1.36 13.89
C ILE B 52 16.68 -2.05 12.61
C ILE B 52 16.68 -2.06 12.60
N LYS B 53 17.77 -2.81 12.59
CA LYS B 53 18.17 -3.48 11.35
C LYS B 53 17.14 -4.47 10.82
N PRO B 54 16.38 -5.22 11.64
CA PRO B 54 15.36 -6.11 11.07
C PRO B 54 14.26 -5.37 10.32
N LYS B 55 14.10 -4.06 10.55
CA LYS B 55 13.10 -3.26 9.85
CA LYS B 55 13.11 -3.24 9.86
C LYS B 55 13.60 -2.76 8.50
N LEU B 56 14.82 -3.08 8.10
CA LEU B 56 15.35 -2.62 6.82
C LEU B 56 15.41 -3.78 5.84
N PRO B 57 14.55 -3.83 4.83
CA PRO B 57 14.64 -4.93 3.85
C PRO B 57 16.00 -4.95 3.18
N SER B 58 16.44 -6.16 2.81
CA SER B 58 17.77 -6.31 2.22
C SER B 58 17.91 -5.48 0.95
N SER B 59 16.81 -5.27 0.22
CA SER B 59 16.85 -4.49 -1.02
C SER B 59 17.38 -3.07 -0.81
N PHE B 60 17.27 -2.53 0.40
CA PHE B 60 17.77 -1.18 0.66
C PHE B 60 19.24 -1.12 1.01
N SER B 61 19.91 -2.27 1.27
CA SER B 61 21.20 -2.21 1.95
C SER B 61 22.31 -1.64 1.08
N ASP B 62 22.12 -1.63 -0.23
CA ASP B 62 23.10 -1.02 -1.12
C ASP B 62 23.08 0.49 -0.97
N SER B 63 21.93 1.06 -0.63
CA SER B 63 21.75 2.50 -0.64
C SER B 63 21.49 3.09 0.72
N ILE B 64 21.30 2.26 1.75
CA ILE B 64 21.11 2.72 3.12
C ILE B 64 22.14 1.97 3.95
N GLN B 65 23.18 2.67 4.39
CA GLN B 65 24.31 2.05 5.07
C GLN B 65 24.35 2.53 6.52
N PHE B 66 24.59 1.62 7.44
CA PHE B 66 24.58 1.99 8.86
C PHE B 66 25.97 2.47 9.26
N VAL B 67 26.01 3.54 10.04
CA VAL B 67 27.26 4.16 10.46
C VAL B 67 27.21 4.28 11.99
N GLU B 68 28.17 3.62 12.68
CA GLU B 68 28.14 3.62 14.14
C GLU B 68 28.71 4.92 14.71
N LEU B 69 27.90 5.57 15.56
CA LEU B 69 28.35 6.67 16.38
C LEU B 69 28.82 6.13 17.73
N HIS B 70 30.00 6.55 18.19
CA HIS B 70 30.57 6.06 19.43
C HIS B 70 30.30 7.08 20.52
N LEU B 71 29.64 6.64 21.61
CA LEU B 71 29.50 7.43 22.82
C LEU B 71 30.57 7.02 23.80
N PRO B 72 30.93 7.88 24.75
CA PRO B 72 31.82 7.44 25.83
C PRO B 72 31.24 6.23 26.56
N SER B 73 32.12 5.29 26.91
CA SER B 73 31.70 4.02 27.49
C SER B 73 32.42 3.77 28.81
N SER B 74 31.71 3.18 29.76
CA SER B 74 32.31 2.73 31.01
C SER B 74 31.64 1.41 31.39
N PRO B 75 32.28 0.62 32.26
CA PRO B 75 31.58 -0.58 32.76
C PRO B 75 30.30 -0.25 33.51
N GLU B 76 30.17 0.98 34.03
CA GLU B 76 28.95 1.45 34.65
C GLU B 76 27.95 2.03 33.64
N PHE B 77 28.37 2.27 32.39
CA PHE B 77 27.49 2.76 31.35
C PHE B 77 27.99 2.21 30.01
N PRO B 78 27.78 0.91 29.77
CA PRO B 78 28.38 0.26 28.58
C PRO B 78 27.52 0.43 27.35
N PRO B 79 28.05 0.10 26.16
CA PRO B 79 27.34 0.45 24.91
C PRO B 79 25.94 -0.14 24.81
N HIS B 80 25.63 -1.25 25.48
CA HIS B 80 24.27 -1.74 25.32
C HIS B 80 23.24 -0.87 26.02
N LEU B 81 23.65 0.09 26.87
CA LEU B 81 22.75 1.07 27.45
C LEU B 81 22.73 2.41 26.70
N HIS B 82 23.31 2.48 25.51
CA HIS B 82 23.37 3.76 24.80
C HIS B 82 22.12 4.00 23.94
N THR B 83 20.97 3.87 24.60
CA THR B 83 19.66 4.00 23.97
C THR B 83 18.65 4.31 25.06
N THR B 84 17.55 4.94 24.68
CA THR B 84 16.47 5.08 25.66
C THR B 84 15.61 3.83 25.77
N ASN B 85 15.77 2.89 24.85
CA ASN B 85 14.93 1.70 24.80
C ASN B 85 15.14 0.84 26.04
N GLY B 86 14.13 0.80 26.92
CA GLY B 86 14.26 0.07 28.16
C GLY B 86 15.24 0.66 29.15
N LEU B 87 15.64 1.92 28.96
CA LEU B 87 16.65 2.50 29.86
C LEU B 87 16.02 2.88 31.19
N PRO B 88 16.65 2.54 32.32
CA PRO B 88 16.21 3.11 33.61
C PRO B 88 16.15 4.63 33.52
N PRO B 89 15.02 5.22 33.91
CA PRO B 89 14.86 6.68 33.75
C PRO B 89 15.98 7.50 34.35
N THR B 90 16.60 7.03 35.42
CA THR B 90 17.68 7.76 36.07
C THR B 90 19.02 7.65 35.36
N LEU B 91 19.07 6.99 34.20
CA LEU B 91 20.25 7.07 33.35
C LEU B 91 20.05 8.02 32.17
N MET B 92 18.84 8.58 32.03
CA MET B 92 18.63 9.57 30.99
C MET B 92 19.59 10.75 31.07
N PRO B 93 19.90 11.34 32.24
CA PRO B 93 20.93 12.39 32.26
C PRO B 93 22.27 11.93 31.75
N ALA B 94 22.72 10.73 32.13
CA ALA B 94 23.96 10.20 31.57
C ALA B 94 23.87 10.02 30.06
N LEU B 95 22.76 9.49 29.58
CA LEU B 95 22.63 9.27 28.14
C LEU B 95 22.71 10.57 27.37
N HIS B 96 22.04 11.62 27.86
CA HIS B 96 22.12 12.89 27.15
C HIS B 96 23.50 13.50 27.23
N GLN B 97 24.19 13.36 28.39
CA GLN B 97 25.54 13.90 28.50
C GLN B 97 26.48 13.18 27.54
N ALA B 98 26.35 11.85 27.43
CA ALA B 98 27.24 11.13 26.53
C ALA B 98 26.94 11.45 25.07
N PHE B 99 25.66 11.62 24.71
CA PHE B 99 25.33 11.98 23.33
C PHE B 99 25.96 13.31 22.96
N SER B 100 25.94 14.29 23.88
CA SER B 100 26.56 15.57 23.55
C SER B 100 28.07 15.43 23.37
N MET B 101 28.69 14.48 24.10
CA MET B 101 30.12 14.20 23.98
C MET B 101 30.48 13.48 22.70
N ALA B 102 29.49 12.93 21.99
CA ALA B 102 29.69 12.31 20.70
C ALA B 102 29.93 13.33 19.59
N ALA B 103 29.84 14.63 19.88
CA ALA B 103 29.95 15.62 18.81
C ALA B 103 31.30 15.55 18.11
N GLN B 104 32.37 15.16 18.82
CA GLN B 104 33.68 15.08 18.17
C GLN B 104 33.77 13.90 17.21
N HIS B 105 33.28 12.72 17.63
CA HIS B 105 33.23 11.59 16.70
C HIS B 105 32.35 11.92 15.51
N PHE B 106 31.22 12.59 15.78
CA PHE B 106 30.29 12.97 14.72
C PHE B 106 30.97 13.90 13.74
N GLU B 107 31.78 14.84 14.24
CA GLU B 107 32.55 15.68 13.34
C GLU B 107 33.47 14.84 12.46
N SER B 108 34.11 13.82 13.03
CA SER B 108 35.04 13.00 12.25
C SER B 108 34.31 12.18 11.21
N ILE B 109 33.10 11.74 11.52
CA ILE B 109 32.30 10.98 10.56
C ILE B 109 31.93 11.86 9.38
N LEU B 110 31.46 13.08 9.66
CA LEU B 110 31.12 14.00 8.59
C LEU B 110 32.34 14.37 7.74
N GLN B 111 33.53 14.43 8.34
CA GLN B 111 34.72 14.75 7.57
C GLN B 111 35.12 13.60 6.66
N THR B 112 34.94 12.37 7.16
CA THR B 112 35.31 11.17 6.41
C THR B 112 34.35 10.90 5.27
N LEU B 113 33.04 10.97 5.55
CA LEU B 113 32.03 10.64 4.55
C LEU B 113 31.65 11.82 3.67
N ALA B 114 31.86 13.05 4.14
CA ALA B 114 31.53 14.29 3.43
C ALA B 114 30.16 14.21 2.75
N PRO B 115 29.09 13.96 3.51
CA PRO B 115 27.77 13.88 2.88
C PRO B 115 27.34 15.25 2.37
N HIS B 116 26.44 15.23 1.39
CA HIS B 116 25.92 16.47 0.83
C HIS B 116 24.90 17.12 1.73
N LEU B 117 24.28 16.36 2.64
CA LEU B 117 23.18 16.85 3.45
C LEU B 117 23.19 16.09 4.77
N LEU B 118 22.80 16.80 5.84
CA LEU B 118 22.59 16.22 7.15
C LEU B 118 21.13 16.39 7.53
N ILE B 119 20.48 15.31 7.95
CA ILE B 119 19.14 15.39 8.54
C ILE B 119 19.25 14.96 10.00
N TYR B 120 18.82 15.84 10.91
CA TYR B 120 19.12 15.66 12.33
C TYR B 120 17.86 15.84 13.17
N ASP B 121 17.87 15.24 14.36
CA ASP B 121 16.73 15.25 15.26
C ASP B 121 16.77 16.49 16.17
N SER B 122 15.70 16.66 16.95
CA SER B 122 15.52 17.87 17.75
C SER B 122 16.04 17.74 19.16
N LEU B 123 17.03 16.86 19.39
CA LEU B 123 17.61 16.71 20.71
C LEU B 123 19.13 16.82 20.65
N GLN B 124 19.64 17.61 19.72
CA GLN B 124 21.09 17.66 19.48
C GLN B 124 21.46 18.99 18.84
N PRO B 125 21.41 20.09 19.60
CA PRO B 125 21.76 21.39 19.01
C PRO B 125 23.16 21.43 18.42
N TRP B 126 24.05 20.58 18.91
CA TRP B 126 25.41 20.57 18.39
C TRP B 126 25.47 20.06 16.95
N ALA B 127 24.50 19.26 16.53
CA ALA B 127 24.59 18.61 15.22
C ALA B 127 24.55 19.63 14.08
N PRO B 128 23.62 20.56 14.03
CA PRO B 128 23.69 21.58 12.95
C PRO B 128 24.89 22.52 13.09
N ARG B 129 25.45 22.67 14.30
CA ARG B 129 26.66 23.48 14.42
C ARG B 129 27.86 22.77 13.80
N VAL B 130 27.99 21.46 14.02
CA VAL B 130 29.08 20.70 13.41
C VAL B 130 28.96 20.73 11.88
N ALA B 131 27.75 20.50 11.37
CA ALA B 131 27.52 20.51 9.93
C ALA B 131 27.92 21.85 9.34
N SER B 132 27.45 22.94 9.95
CA SER B 132 27.75 24.27 9.44
C SER B 132 29.26 24.50 9.35
N SER B 133 30.00 24.04 10.37
CA SER B 133 31.44 24.23 10.38
C SER B 133 32.13 23.47 9.26
N LEU B 134 31.50 22.45 8.69
CA LEU B 134 32.04 21.70 7.57
C LEU B 134 31.41 22.10 6.24
N LYS B 135 30.62 23.18 6.24
CA LYS B 135 29.85 23.63 5.07
C LYS B 135 28.94 22.52 4.54
N ILE B 136 28.30 21.80 5.46
CA ILE B 136 27.34 20.76 5.12
C ILE B 136 25.96 21.28 5.47
N PRO B 137 25.07 21.51 4.50
CA PRO B 137 23.72 21.98 4.82
C PRO B 137 22.99 20.96 5.70
N ALA B 138 22.14 21.46 6.59
CA ALA B 138 21.49 20.56 7.52
C ALA B 138 20.02 20.94 7.71
N ILE B 139 19.17 19.90 7.76
CA ILE B 139 17.72 20.07 7.91
C ILE B 139 17.26 19.26 9.12
N ASN B 140 16.42 19.88 9.94
CA ASN B 140 15.82 19.24 11.10
C ASN B 140 14.60 18.41 10.70
N PHE B 141 14.54 17.17 11.23
CA PHE B 141 13.37 16.32 11.05
C PHE B 141 12.82 15.97 12.43
N ASN B 142 11.55 16.28 12.66
CA ASN B 142 10.84 15.99 13.90
C ASN B 142 9.98 14.74 13.79
N THR B 143 10.09 13.86 14.77
CA THR B 143 9.32 12.61 14.78
C THR B 143 8.07 12.68 15.65
N THR B 144 7.81 13.82 16.26
CA THR B 144 6.51 14.14 16.80
C THR B 144 5.60 14.63 15.68
N GLY B 145 4.33 14.84 16.02
CA GLY B 145 3.45 15.63 15.20
C GLY B 145 3.68 17.12 15.43
N VAL B 146 2.81 17.92 14.82
CA VAL B 146 2.96 19.38 14.88
C VAL B 146 2.30 19.98 16.11
N PHE B 147 1.17 19.41 16.56
CA PHE B 147 0.34 20.00 17.62
C PHE B 147 1.18 20.40 18.84
N VAL B 148 2.00 19.47 19.35
CA VAL B 148 2.73 19.70 20.59
C VAL B 148 3.69 20.88 20.43
N ILE B 149 4.34 20.98 19.28
CA ILE B 149 5.32 22.04 19.05
C ILE B 149 4.62 23.39 19.02
N SER B 150 3.50 23.46 18.29
CA SER B 150 2.76 24.72 18.24
C SER B 150 2.23 25.11 19.61
N GLN B 151 1.86 24.13 20.43
CA GLN B 151 1.35 24.43 21.76
C GLN B 151 2.44 24.96 22.66
N GLY B 152 3.68 24.49 22.47
CA GLY B 152 4.78 24.98 23.28
C GLY B 152 5.29 26.34 22.85
N LEU B 153 5.19 26.65 21.56
CA LEU B 153 5.73 27.92 21.07
C LEU B 153 4.71 29.06 21.18
N HIS B 154 3.42 28.75 21.09
CA HIS B 154 2.39 29.76 21.25
C HIS B 154 2.55 30.63 22.50
N PRO B 155 2.74 30.09 23.70
CA PRO B 155 2.77 30.96 24.90
C PRO B 155 3.97 31.87 24.95
N ILE B 156 5.02 31.57 24.19
CA ILE B 156 6.18 32.45 24.15
C ILE B 156 5.82 33.76 23.47
N HIS B 157 5.01 33.70 22.41
CA HIS B 157 4.63 34.91 21.70
C HIS B 157 3.32 35.52 22.21
N TYR B 158 2.45 34.70 22.80
CA TYR B 158 1.13 35.14 23.26
C TYR B 158 0.89 34.57 24.64
N PRO B 159 1.55 35.12 25.66
CA PRO B 159 1.42 34.55 27.02
C PRO B 159 0.05 34.74 27.64
N HIS B 160 -0.76 35.68 27.16
CA HIS B 160 -2.06 35.98 27.76
C HIS B 160 -3.22 35.59 26.85
N SER B 161 -3.00 34.67 25.91
CA SER B 161 -4.02 34.30 24.94
C SER B 161 -4.14 32.78 24.90
N LYS B 162 -5.38 32.31 24.84
CA LYS B 162 -5.62 30.89 24.63
C LYS B 162 -5.06 30.44 23.28
N PHE B 163 -4.57 29.21 23.25
CA PHE B 163 -4.15 28.63 21.98
C PHE B 163 -5.36 28.60 21.05
N PRO B 164 -5.24 29.10 19.84
CA PRO B 164 -6.37 29.07 18.90
C PRO B 164 -6.42 27.74 18.16
N PHE B 165 -7.53 27.52 17.46
CA PHE B 165 -7.71 26.35 16.61
C PHE B 165 -7.72 25.04 17.39
N SER B 166 -8.03 25.06 18.69
CA SER B 166 -8.25 23.84 19.45
C SER B 166 -8.92 24.16 20.78
N GLU B 167 -9.84 23.30 21.21
CA GLU B 167 -10.41 23.37 22.54
C GLU B 167 -9.66 22.51 23.55
N PHE B 168 -8.59 21.85 23.12
CA PHE B 168 -7.79 21.01 24.00
C PHE B 168 -7.37 21.75 25.27
N VAL B 169 -7.49 21.07 26.40
CA VAL B 169 -7.04 21.56 27.70
C VAL B 169 -6.07 20.54 28.27
N LEU B 170 -4.86 20.98 28.60
CA LEU B 170 -3.90 20.08 29.22
C LEU B 170 -4.24 19.90 30.70
N HIS B 171 -4.37 18.64 31.12
CA HIS B 171 -4.67 18.33 32.51
C HIS B 171 -3.65 18.99 33.43
N ASN B 172 -4.12 19.43 34.60
CA ASN B 172 -3.22 20.02 35.60
C ASN B 172 -2.06 19.09 35.94
N HIS B 173 -2.25 17.77 35.79
CA HIS B 173 -1.18 16.82 36.11
C HIS B 173 0.08 17.12 35.31
N TRP B 174 -0.06 17.47 34.04
CA TRP B 174 1.11 17.78 33.23
C TRP B 174 1.51 19.25 33.30
N LYS B 175 0.61 20.13 33.74
CA LYS B 175 0.95 21.54 33.81
C LYS B 175 2.09 21.80 34.79
N ALA B 176 2.21 20.98 35.84
CA ALA B 176 3.29 21.12 36.81
C ALA B 176 4.40 20.10 36.61
N MET B 177 4.19 19.06 35.80
CA MET B 177 5.18 18.02 35.59
C MET B 177 6.37 18.51 34.78
N SER B 185 13.31 24.77 39.14
CA SER B 185 13.85 25.98 38.53
C SER B 185 13.31 26.16 37.11
N THR B 186 12.46 27.18 36.95
CA THR B 186 11.98 27.54 35.61
C THR B 186 13.13 27.87 34.67
N GLU B 187 14.31 28.17 35.22
CA GLU B 187 15.48 28.47 34.41
C GLU B 187 16.01 27.23 33.70
N ARG B 188 16.01 26.08 34.39
CA ARG B 188 16.37 24.83 33.72
C ARG B 188 15.36 24.47 32.66
N THR B 189 14.07 24.68 32.96
CA THR B 189 13.05 24.36 31.97
C THR B 189 13.18 25.27 30.75
N ARG B 190 13.56 26.54 30.96
CA ARG B 190 13.76 27.44 29.84
C ARG B 190 14.91 26.98 28.95
N LYS B 191 16.01 26.52 29.55
CA LYS B 191 17.17 26.16 28.75
C LYS B 191 16.92 24.91 27.91
N ARG B 192 16.15 23.94 28.45
CA ARG B 192 15.72 22.80 27.64
C ARG B 192 14.95 23.25 26.42
N GLY B 193 14.04 24.22 26.59
CA GLY B 193 13.25 24.69 25.46
C GLY B 193 14.06 25.47 24.46
N GLU B 194 15.09 26.20 24.93
CA GLU B 194 15.95 26.93 24.02
C GLU B 194 16.77 25.98 23.14
N ALA B 195 17.22 24.86 23.70
CA ALA B 195 17.95 23.87 22.92
C ALA B 195 17.04 23.17 21.90
N PHE B 196 15.82 22.84 22.31
CA PHE B 196 14.88 22.21 21.38
C PHE B 196 14.55 23.15 20.23
N LEU B 197 14.16 24.38 20.57
CA LEU B 197 13.81 25.33 19.53
C LEU B 197 15.01 25.68 18.66
N TYR B 198 16.21 25.72 19.23
CA TYR B 198 17.38 25.97 18.37
C TYR B 198 17.47 24.94 17.25
N CYS B 199 17.17 23.68 17.56
CA CYS B 199 17.27 22.63 16.54
C CYS B 199 16.34 22.93 15.37
N LEU B 200 15.13 23.39 15.66
CA LEU B 200 14.19 23.79 14.63
C LEU B 200 14.64 25.06 13.93
N HIS B 201 15.01 26.06 14.73
CA HIS B 201 15.37 27.37 14.20
C HIS B 201 16.62 27.31 13.34
N ALA B 202 17.58 26.47 13.72
CA ALA B 202 18.82 26.38 12.95
C ALA B 202 18.65 25.66 11.63
N SER B 203 17.51 25.01 11.41
CA SER B 203 17.34 24.19 10.23
C SER B 203 17.43 25.03 8.96
N CYS B 204 18.07 24.49 7.93
CA CYS B 204 18.25 25.26 6.69
C CYS B 204 16.94 25.28 5.92
N SER B 205 16.32 26.46 5.86
CA SER B 205 15.19 26.81 5.01
C SER B 205 13.86 26.17 5.42
N VAL B 206 13.87 24.91 5.86
CA VAL B 206 12.64 24.22 6.17
C VAL B 206 12.90 23.32 7.37
N ILE B 207 11.81 22.93 8.04
CA ILE B 207 11.86 21.79 8.95
C ILE B 207 10.93 20.71 8.41
N LEU B 208 11.33 19.47 8.60
CA LEU B 208 10.53 18.32 8.18
C LEU B 208 9.81 17.77 9.40
N ILE B 209 8.58 17.31 9.23
CA ILE B 209 7.87 16.75 10.37
C ILE B 209 6.99 15.60 9.91
N ASN B 210 6.89 14.56 10.75
CA ASN B 210 6.10 13.37 10.44
C ASN B 210 4.63 13.64 10.73
N SER B 211 3.99 14.39 9.84
CA SER B 211 2.55 14.61 9.99
C SER B 211 1.94 14.77 8.61
N PHE B 212 0.69 15.20 8.58
CA PHE B 212 -0.03 15.36 7.32
C PHE B 212 -1.16 16.36 7.52
N ARG B 213 -1.51 17.06 6.43
CA ARG B 213 -2.34 18.25 6.54
C ARG B 213 -3.77 17.95 6.96
N GLU B 214 -4.34 16.82 6.53
CA GLU B 214 -5.72 16.51 6.90
C GLU B 214 -5.88 16.45 8.42
N LEU B 215 -4.81 16.10 9.12
CA LEU B 215 -4.82 16.02 10.57
C LEU B 215 -4.34 17.31 11.23
N GLU B 216 -3.27 17.94 10.70
CA GLU B 216 -2.64 19.04 11.44
C GLU B 216 -2.35 20.27 10.59
N GLY B 217 -3.02 20.44 9.46
CA GLY B 217 -2.68 21.53 8.56
C GLY B 217 -2.70 22.91 9.22
N LYS B 218 -3.73 23.17 10.02
CA LYS B 218 -3.84 24.49 10.66
C LYS B 218 -2.71 24.74 11.64
N TYR B 219 -2.28 23.68 12.35
CA TYR B 219 -1.18 23.79 13.29
C TYR B 219 0.15 23.97 12.56
N MET B 220 0.33 23.28 11.43
CA MET B 220 1.52 23.48 10.60
C MET B 220 1.64 24.93 10.16
N ASP B 221 0.55 25.50 9.66
CA ASP B 221 0.60 26.88 9.18
C ASP B 221 0.93 27.83 10.32
N TYR B 222 0.33 27.59 11.49
CA TYR B 222 0.59 28.44 12.65
C TYR B 222 2.02 28.32 13.11
N LEU B 223 2.54 27.07 13.21
CA LEU B 223 3.93 26.87 13.60
C LEU B 223 4.87 27.58 12.64
N SER B 224 4.57 27.54 11.35
CA SER B 224 5.44 28.17 10.37
C SER B 224 5.47 29.68 10.58
N VAL B 225 4.32 30.28 10.89
CA VAL B 225 4.29 31.70 11.19
C VAL B 225 5.08 31.98 12.46
N LEU B 226 4.93 31.14 13.49
CA LEU B 226 5.59 31.39 14.77
C LEU B 226 7.11 31.26 14.66
N LEU B 227 7.58 30.23 13.96
CA LEU B 227 9.02 30.02 13.77
C LEU B 227 9.61 30.88 12.67
N ASN B 228 8.79 31.47 11.81
CA ASN B 228 9.26 32.16 10.62
C ASN B 228 10.12 31.24 9.73
N LYS B 229 9.67 30.00 9.57
CA LYS B 229 10.31 29.03 8.69
C LYS B 229 9.23 28.12 8.10
N LYS B 230 9.47 27.63 6.89
CA LYS B 230 8.52 26.72 6.26
C LYS B 230 8.54 25.35 6.92
N VAL B 231 7.36 24.82 7.22
CA VAL B 231 7.18 23.49 7.80
C VAL B 231 6.72 22.56 6.69
N VAL B 232 7.45 21.46 6.47
CA VAL B 232 7.17 20.54 5.37
C VAL B 232 6.76 19.20 5.95
N PRO B 233 5.51 18.77 5.76
CA PRO B 233 5.09 17.46 6.25
C PRO B 233 5.63 16.36 5.35
N VAL B 234 6.06 15.24 5.95
CA VAL B 234 6.53 14.10 5.17
C VAL B 234 5.81 12.82 5.57
N GLY B 235 4.74 12.94 6.35
CA GLY B 235 3.99 11.78 6.78
C GLY B 235 2.75 11.49 5.95
N PRO B 236 2.07 10.38 6.24
CA PRO B 236 2.31 9.41 7.32
C PRO B 236 3.53 8.51 7.09
N LEU B 237 4.45 8.44 8.04
CA LEU B 237 5.59 7.52 7.99
C LEU B 237 5.25 6.36 8.91
N VAL B 238 4.96 5.19 8.33
CA VAL B 238 4.49 4.04 9.11
C VAL B 238 5.18 2.79 8.57
N TYR B 239 5.85 2.07 9.45
CA TYR B 239 6.52 0.84 9.06
C TYR B 239 5.52 -0.30 8.98
N GLU B 240 5.60 -1.06 7.89
CA GLU B 240 4.79 -2.26 7.76
C GLU B 240 5.74 -3.42 7.47
N PRO B 241 5.74 -4.47 8.29
CA PRO B 241 6.66 -5.57 8.04
C PRO B 241 6.21 -6.38 6.84
N ASN B 242 7.16 -7.15 6.29
CA ASN B 242 6.87 -8.08 5.21
C ASN B 242 6.48 -9.43 5.80
N ASP B 247 10.41 -14.79 13.74
CA ASP B 247 9.00 -14.82 14.09
C ASP B 247 8.64 -13.70 15.07
N GLU B 248 9.57 -13.38 15.97
CA GLU B 248 9.37 -12.45 17.08
C GLU B 248 8.22 -12.87 17.99
N GLY B 249 7.88 -14.16 17.97
CA GLY B 249 6.79 -14.65 18.78
C GLY B 249 5.42 -14.49 18.19
N TYR B 250 5.31 -14.01 16.94
CA TYR B 250 3.98 -13.71 16.41
C TYR B 250 3.18 -14.97 16.10
N SER B 251 3.85 -16.11 15.85
CA SER B 251 3.12 -17.32 15.49
C SER B 251 2.15 -17.73 16.58
N SER B 252 2.59 -17.69 17.84
CA SER B 252 1.69 -18.03 18.93
C SER B 252 0.69 -16.92 19.21
N ILE B 253 1.07 -15.66 18.97
CA ILE B 253 0.12 -14.57 19.15
C ILE B 253 -0.96 -14.62 18.10
N LYS B 254 -0.58 -14.84 16.84
CA LYS B 254 -1.57 -14.96 15.77
C LYS B 254 -2.55 -16.10 16.03
N ASN B 255 -2.05 -17.24 16.50
CA ASN B 255 -2.95 -18.37 16.76
C ASN B 255 -3.93 -18.06 17.86
N TRP B 256 -3.54 -17.22 18.83
CA TRP B 256 -4.44 -16.82 19.90
C TRP B 256 -5.47 -15.81 19.40
N LEU B 257 -5.02 -14.82 18.61
CA LEU B 257 -5.93 -13.86 17.99
C LEU B 257 -6.93 -14.54 17.06
N ASP B 258 -6.51 -15.62 16.40
CA ASP B 258 -7.41 -16.34 15.50
C ASP B 258 -8.59 -16.97 16.23
N LYS B 259 -8.48 -17.17 17.54
CA LYS B 259 -9.58 -17.74 18.32
C LYS B 259 -10.60 -16.71 18.78
N LYS B 260 -10.36 -15.43 18.55
CA LYS B 260 -11.23 -14.37 19.02
C LYS B 260 -12.18 -13.91 17.92
N GLU B 261 -13.21 -13.20 18.33
CA GLU B 261 -14.17 -12.63 17.39
C GLU B 261 -13.59 -11.37 16.75
N PRO B 262 -14.12 -10.96 15.59
CA PRO B 262 -13.60 -9.76 14.93
C PRO B 262 -13.67 -8.54 15.83
N SER B 263 -12.61 -7.73 15.79
CA SER B 263 -12.58 -6.42 16.46
C SER B 263 -12.92 -6.54 17.95
N SER B 264 -12.44 -7.60 18.59
CA SER B 264 -12.82 -7.92 19.96
C SER B 264 -11.70 -7.71 20.96
N THR B 265 -10.48 -7.45 20.51
N THR B 265 -10.48 -7.48 20.51
CA THR B 265 -9.29 -7.49 21.33
CA THR B 265 -9.30 -7.48 21.37
C THR B 265 -8.62 -6.13 21.33
C THR B 265 -8.65 -6.10 21.35
N VAL B 266 -8.09 -5.70 22.48
CA VAL B 266 -7.26 -4.51 22.58
C VAL B 266 -5.80 -4.93 22.75
N PHE B 267 -4.92 -4.30 21.99
CA PHE B 267 -3.48 -4.34 22.23
C PHE B 267 -3.13 -3.24 23.22
N VAL B 268 -2.24 -3.53 24.16
CA VAL B 268 -1.91 -2.61 25.25
C VAL B 268 -0.42 -2.38 25.27
N SER B 269 0.01 -1.13 25.17
CA SER B 269 1.46 -0.91 25.09
C SER B 269 1.79 0.52 25.47
N PHE B 270 2.89 0.69 26.17
CA PHE B 270 3.33 2.02 26.56
C PHE B 270 4.67 2.37 25.91
N GLY B 271 4.94 1.79 24.75
CA GLY B 271 6.05 2.21 23.92
C GLY B 271 7.38 1.60 24.36
N SER B 272 8.46 2.27 23.93
CA SER B 272 9.82 1.75 24.09
C SER B 272 10.58 2.35 25.27
N GLU B 273 10.12 3.44 25.86
CA GLU B 273 10.92 4.09 26.88
C GLU B 273 10.06 4.58 28.02
N TYR B 274 9.10 3.76 28.44
CA TYR B 274 8.33 4.11 29.62
C TYR B 274 7.94 2.85 30.36
N PHE B 275 8.04 2.92 31.68
CA PHE B 275 7.66 1.82 32.55
C PHE B 275 6.57 2.33 33.47
N PRO B 276 5.31 1.97 33.24
CA PRO B 276 4.25 2.39 34.17
C PRO B 276 4.54 1.87 35.56
N SER B 277 4.21 2.69 36.55
CA SER B 277 4.40 2.31 37.95
C SER B 277 3.43 1.20 38.34
N LYS B 278 3.70 0.62 39.51
CA LYS B 278 2.82 -0.42 40.04
C LYS B 278 1.39 0.07 40.18
N GLU B 279 1.21 1.29 40.70
CA GLU B 279 -0.13 1.85 40.86
C GLU B 279 -0.82 2.08 39.52
N GLU B 280 -0.06 2.54 38.52
CA GLU B 280 -0.64 2.72 37.19
C GLU B 280 -1.04 1.38 36.58
N MET B 281 -0.19 0.36 36.72
N MET B 281 -0.20 0.36 36.71
CA MET B 281 -0.52 -0.96 36.18
CA MET B 281 -0.55 -0.94 36.15
C MET B 281 -1.77 -1.53 36.85
C MET B 281 -1.76 -1.54 36.85
N GLU B 282 -1.94 -1.26 38.15
CA GLU B 282 -3.13 -1.72 38.85
C GLU B 282 -4.40 -1.15 38.22
N GLU B 283 -4.42 0.15 37.95
CA GLU B 283 -5.60 0.78 37.37
C GLU B 283 -5.86 0.25 35.96
N ILE B 284 -4.80 0.04 35.17
CA ILE B 284 -4.98 -0.50 33.83
C ILE B 284 -5.50 -1.93 33.90
N ALA B 285 -4.89 -2.74 34.76
CA ALA B 285 -5.30 -4.13 34.87
C ALA B 285 -6.76 -4.24 35.30
N HIS B 286 -7.14 -3.51 36.36
CA HIS B 286 -8.53 -3.58 36.80
C HIS B 286 -9.49 -3.01 35.76
N GLY B 287 -9.02 -2.06 34.94
CA GLY B 287 -9.85 -1.56 33.85
C GLY B 287 -10.09 -2.61 32.77
N LEU B 288 -9.01 -3.28 32.34
CA LEU B 288 -9.15 -4.39 31.40
C LEU B 288 -10.07 -5.47 31.95
N GLU B 289 -9.94 -5.77 33.25
CA GLU B 289 -10.77 -6.81 33.86
C GLU B 289 -12.24 -6.44 33.84
N ALA B 290 -12.57 -5.22 34.25
CA ALA B 290 -13.97 -4.84 34.32
C ALA B 290 -14.60 -4.78 32.94
N SER B 291 -13.82 -4.45 31.91
CA SER B 291 -14.35 -4.31 30.56
C SER B 291 -14.67 -5.66 29.93
N GLU B 292 -14.12 -6.76 30.46
CA GLU B 292 -14.27 -8.11 29.93
C GLU B 292 -13.75 -8.25 28.50
N VAL B 293 -12.95 -7.29 28.05
CA VAL B 293 -12.33 -7.35 26.73
C VAL B 293 -11.29 -8.47 26.69
N ASN B 294 -11.04 -8.98 25.46
CA ASN B 294 -9.79 -9.69 25.19
C ASN B 294 -8.64 -8.70 25.07
N PHE B 295 -7.46 -9.07 25.57
CA PHE B 295 -6.35 -8.13 25.55
C PHE B 295 -5.00 -8.84 25.42
N ILE B 296 -4.10 -8.18 24.69
CA ILE B 296 -2.68 -8.53 24.62
C ILE B 296 -1.92 -7.34 25.18
N TRP B 297 -1.14 -7.57 26.24
CA TRP B 297 -0.52 -6.48 26.99
C TRP B 297 0.99 -6.70 27.07
N VAL B 298 1.75 -5.75 26.54
CA VAL B 298 3.21 -5.82 26.57
C VAL B 298 3.68 -5.24 27.90
N VAL B 299 4.32 -6.05 28.73
CA VAL B 299 4.85 -5.61 30.01
C VAL B 299 6.36 -5.70 29.93
N ARG B 300 7.04 -4.63 30.35
CA ARG B 300 8.49 -4.55 30.25
C ARG B 300 9.11 -4.28 31.62
N PHE B 301 10.40 -4.57 31.71
CA PHE B 301 11.20 -4.26 32.89
C PHE B 301 12.52 -3.64 32.46
N PRO B 302 13.06 -2.70 33.24
CA PRO B 302 14.28 -2.00 32.82
C PRO B 302 15.40 -2.97 32.48
N GLN B 303 16.26 -2.55 31.55
CA GLN B 303 17.40 -3.35 31.09
C GLN B 303 18.19 -3.99 32.23
N ALA B 313 4.42 -7.30 39.24
CA ALA B 313 4.10 -6.04 38.57
C ALA B 313 2.59 -5.85 38.43
N LEU B 314 1.86 -6.96 38.28
CA LEU B 314 0.42 -7.05 38.07
C LEU B 314 -0.29 -7.50 39.35
N PRO B 315 -1.53 -7.08 39.57
CA PRO B 315 -2.24 -7.49 40.77
C PRO B 315 -2.33 -9.00 40.88
N LYS B 316 -2.30 -9.49 42.13
CA LYS B 316 -2.42 -10.91 42.40
C LYS B 316 -3.69 -11.48 41.79
N GLY B 317 -3.53 -12.55 41.00
CA GLY B 317 -4.66 -13.21 40.41
C GLY B 317 -5.25 -12.53 39.21
N PHE B 318 -4.66 -11.43 38.74
CA PHE B 318 -5.21 -10.74 37.57
C PHE B 318 -5.25 -11.65 36.36
N LEU B 319 -4.11 -12.25 36.02
CA LEU B 319 -4.07 -13.12 34.84
C LEU B 319 -4.97 -14.34 35.02
N GLU B 320 -5.03 -14.87 36.24
CA GLU B 320 -5.83 -16.06 36.49
C GLU B 320 -7.32 -15.78 36.30
N ARG B 321 -7.80 -14.63 36.78
CA ARG B 321 -9.19 -14.27 36.56
C ARG B 321 -9.46 -13.90 35.11
N ALA B 322 -8.44 -13.39 34.40
CA ALA B 322 -8.62 -13.06 32.99
C ALA B 322 -8.85 -14.31 32.15
N GLY B 323 -8.15 -15.39 32.49
CA GLY B 323 -8.33 -16.63 31.75
C GLY B 323 -7.87 -16.49 30.32
N GLU B 324 -8.67 -17.03 29.39
CA GLU B 324 -8.31 -16.98 27.98
C GLU B 324 -8.56 -15.62 27.36
N ARG B 325 -9.19 -14.70 28.08
CA ARG B 325 -9.38 -13.35 27.56
C ARG B 325 -8.09 -12.54 27.50
N GLY B 326 -7.09 -12.88 28.31
CA GLY B 326 -5.91 -12.07 28.45
C GLY B 326 -4.64 -12.77 28.05
N MET B 327 -3.69 -11.99 27.52
CA MET B 327 -2.35 -12.47 27.23
C MET B 327 -1.36 -11.37 27.56
N VAL B 328 -0.33 -11.69 28.33
CA VAL B 328 0.75 -10.75 28.59
C VAL B 328 1.97 -11.22 27.81
N VAL B 329 2.56 -10.30 27.04
CA VAL B 329 3.80 -10.55 26.31
C VAL B 329 4.91 -9.80 27.02
N LYS B 330 5.99 -10.50 27.35
CA LYS B 330 7.11 -9.91 28.06
C LYS B 330 8.07 -9.23 27.09
N GLY B 331 8.43 -7.99 27.40
CA GLY B 331 9.52 -7.34 26.68
C GLY B 331 9.16 -6.56 25.43
N TRP B 332 8.47 -7.20 24.49
CA TRP B 332 8.32 -6.65 23.16
C TRP B 332 7.37 -7.52 22.35
N ALA B 333 6.49 -6.89 21.58
CA ALA B 333 5.57 -7.63 20.73
C ALA B 333 5.56 -7.07 19.32
N PRO B 334 5.14 -7.89 18.33
CA PRO B 334 5.01 -7.39 16.96
C PRO B 334 3.81 -6.46 16.83
N GLN B 335 4.03 -5.17 17.17
CA GLN B 335 2.92 -4.24 17.32
C GLN B 335 2.12 -4.09 16.02
N ALA B 336 2.81 -3.85 14.90
CA ALA B 336 2.12 -3.61 13.63
C ALA B 336 1.27 -4.81 13.23
N LYS B 337 1.84 -6.01 13.33
CA LYS B 337 1.10 -7.20 12.92
C LYS B 337 -0.13 -7.40 13.79
N ILE B 338 -0.03 -7.08 15.09
CA ILE B 338 -1.18 -7.24 15.98
C ILE B 338 -2.27 -6.22 15.63
N LEU B 339 -1.87 -4.97 15.42
CA LEU B 339 -2.85 -3.94 15.09
C LEU B 339 -3.56 -4.24 13.77
N LYS B 340 -2.89 -4.93 12.85
CA LYS B 340 -3.51 -5.23 11.56
C LYS B 340 -4.39 -6.47 11.60
N HIS B 341 -4.37 -7.23 12.70
CA HIS B 341 -5.16 -8.46 12.75
C HIS B 341 -6.65 -8.13 12.87
N TRP B 342 -7.46 -8.97 12.23
CA TRP B 342 -8.91 -8.75 12.18
C TRP B 342 -9.56 -8.84 13.55
N SER B 343 -8.93 -9.51 14.50
CA SER B 343 -9.46 -9.65 15.86
C SER B 343 -9.23 -8.41 16.72
N THR B 344 -8.42 -7.47 16.27
CA THR B 344 -8.06 -6.32 17.09
C THR B 344 -9.02 -5.17 16.82
N GLY B 345 -9.66 -4.70 17.88
CA GLY B 345 -10.66 -3.66 17.76
C GLY B 345 -10.31 -2.38 18.49
N GLY B 346 -9.18 -2.33 19.19
CA GLY B 346 -8.82 -1.16 19.98
C GLY B 346 -7.35 -1.20 20.35
N PHE B 347 -6.83 -0.04 20.75
CA PHE B 347 -5.41 0.11 21.10
C PHE B 347 -5.35 0.97 22.35
N VAL B 348 -5.02 0.36 23.49
CA VAL B 348 -4.76 1.11 24.71
C VAL B 348 -3.30 1.50 24.66
N SER B 349 -3.06 2.79 24.48
CA SER B 349 -1.78 3.26 24.01
C SER B 349 -1.35 4.47 24.81
N HIS B 350 -0.04 4.56 25.07
CA HIS B 350 0.51 5.76 25.70
C HIS B 350 0.49 6.94 24.75
N CYS B 351 0.11 6.73 23.48
CA CYS B 351 0.00 7.79 22.48
C CYS B 351 1.34 8.39 22.08
N GLY B 352 2.42 7.60 22.10
CA GLY B 352 3.58 7.97 21.31
C GLY B 352 3.17 8.13 19.85
N TRP B 353 3.87 9.02 19.14
CA TRP B 353 3.38 9.44 17.84
C TRP B 353 3.45 8.32 16.79
N ASN B 354 4.51 7.51 16.82
CA ASN B 354 4.54 6.40 15.87
C ASN B 354 3.37 5.46 16.13
N SER B 355 3.06 5.18 17.39
N SER B 355 3.05 5.18 17.39
CA SER B 355 1.94 4.29 17.70
CA SER B 355 1.93 4.27 17.66
C SER B 355 0.62 4.89 17.25
C SER B 355 0.59 4.89 17.28
N VAL B 356 0.46 6.22 17.40
CA VAL B 356 -0.75 6.87 16.92
C VAL B 356 -0.83 6.80 15.39
N MET B 357 0.30 7.03 14.73
CA MET B 357 0.30 7.02 13.27
C MET B 357 0.00 5.62 12.73
N GLU B 358 0.56 4.59 13.38
CA GLU B 358 0.26 3.22 13.00
C GLU B 358 -1.22 2.90 13.19
N SER B 359 -1.75 3.24 14.35
CA SER B 359 -3.16 2.95 14.64
C SER B 359 -4.08 3.66 13.64
N MET B 360 -3.82 4.93 13.35
CA MET B 360 -4.62 5.62 12.33
C MET B 360 -4.53 4.93 10.96
N MET B 361 -3.30 4.63 10.51
CA MET B 361 -3.12 3.94 9.23
C MET B 361 -3.85 2.60 9.19
N PHE B 362 -3.81 1.84 10.28
CA PHE B 362 -4.45 0.53 10.35
C PHE B 362 -5.92 0.61 10.75
N GLY B 363 -6.41 1.80 11.08
CA GLY B 363 -7.82 1.99 11.37
C GLY B 363 -8.29 1.42 12.69
N VAL B 364 -7.41 1.37 13.69
CA VAL B 364 -7.75 0.81 15.00
C VAL B 364 -7.97 1.98 15.95
N PRO B 365 -9.17 2.12 16.54
CA PRO B 365 -9.42 3.23 17.45
C PRO B 365 -8.47 3.20 18.64
N ILE B 366 -7.94 4.37 18.98
CA ILE B 366 -7.03 4.52 20.11
C ILE B 366 -7.81 4.81 21.37
N ILE B 367 -7.46 4.13 22.45
CA ILE B 367 -7.92 4.44 23.80
C ILE B 367 -6.71 5.01 24.52
N GLY B 368 -6.65 6.34 24.63
CA GLY B 368 -5.41 6.99 25.04
C GLY B 368 -5.18 6.96 26.54
N VAL B 369 -3.98 6.51 26.94
CA VAL B 369 -3.53 6.54 28.33
C VAL B 369 -2.16 7.23 28.32
N PRO B 370 -2.09 8.52 28.00
CA PRO B 370 -0.78 9.17 27.83
C PRO B 370 -0.02 9.24 29.14
N MET B 371 1.31 9.27 29.03
CA MET B 371 2.16 9.27 30.21
C MET B 371 2.96 10.55 30.37
N HIS B 372 3.79 10.93 29.39
CA HIS B 372 4.58 12.15 29.55
C HIS B 372 5.05 12.62 28.18
N VAL B 373 5.97 13.61 28.18
CA VAL B 373 6.44 14.35 27.01
C VAL B 373 5.28 14.67 26.05
N ASP B 374 5.39 14.31 24.77
CA ASP B 374 4.37 14.76 23.82
C ASP B 374 3.05 13.98 23.92
N GLN B 375 3.01 12.88 24.67
CA GLN B 375 1.84 12.01 24.67
C GLN B 375 0.53 12.68 25.05
N PRO B 376 0.43 13.52 26.08
CA PRO B 376 -0.90 14.10 26.38
C PRO B 376 -1.41 14.97 25.24
N PHE B 377 -0.53 15.67 24.54
CA PHE B 377 -0.95 16.45 23.38
C PHE B 377 -1.40 15.54 22.24
N ASN B 378 -0.69 14.43 22.04
CA ASN B 378 -1.10 13.49 21.00
C ASN B 378 -2.46 12.89 21.32
N ALA B 379 -2.72 12.60 22.59
CA ALA B 379 -4.01 12.03 22.93
C ALA B 379 -5.12 13.06 22.70
N GLY B 380 -4.82 14.33 22.97
CA GLY B 380 -5.79 15.39 22.72
C GLY B 380 -6.09 15.58 21.24
N LEU B 381 -5.07 15.44 20.39
CA LEU B 381 -5.28 15.52 18.96
C LEU B 381 -6.08 14.32 18.45
N VAL B 382 -5.78 13.13 18.97
CA VAL B 382 -6.57 11.95 18.62
C VAL B 382 -8.03 12.18 18.96
N GLU B 383 -8.30 12.70 20.16
CA GLU B 383 -9.66 12.91 20.64
C GLU B 383 -10.38 13.93 19.78
N GLU B 384 -9.71 15.04 19.48
CA GLU B 384 -10.30 16.10 18.67
C GLU B 384 -10.57 15.63 17.25
N ALA B 385 -9.73 14.76 16.71
CA ALA B 385 -9.96 14.21 15.39
C ALA B 385 -11.12 13.20 15.37
N GLY B 386 -11.51 12.66 16.52
CA GLY B 386 -12.61 11.71 16.57
C GLY B 386 -12.24 10.29 16.26
N VAL B 387 -10.94 10.00 16.11
CA VAL B 387 -10.48 8.64 15.79
C VAL B 387 -10.15 7.84 17.03
N GLY B 388 -10.30 8.44 18.20
CA GLY B 388 -9.93 7.76 19.43
C GLY B 388 -10.53 8.54 20.59
N VAL B 389 -10.32 8.02 21.78
CA VAL B 389 -10.82 8.64 23.00
C VAL B 389 -9.68 8.62 24.00
N GLU B 390 -9.79 9.49 25.00
CA GLU B 390 -8.76 9.61 26.03
C GLU B 390 -9.33 9.23 27.37
N ALA B 391 -8.64 8.33 28.05
CA ALA B 391 -8.97 7.99 29.42
C ALA B 391 -8.47 9.11 30.33
N LYS B 392 -9.37 9.78 31.02
CA LYS B 392 -9.01 10.98 31.74
C LYS B 392 -8.39 10.65 33.09
N ARG B 393 -7.40 11.45 33.49
CA ARG B 393 -6.86 11.28 34.84
C ARG B 393 -7.76 11.97 35.86
N ASP B 394 -7.69 11.53 37.09
CA ASP B 394 -8.50 12.13 38.13
C ASP B 394 -7.83 13.42 38.58
N PRO B 395 -8.51 14.24 39.40
CA PRO B 395 -7.90 15.51 39.81
C PRO B 395 -6.48 15.39 40.34
N ASP B 396 -6.18 14.32 41.07
CA ASP B 396 -4.85 14.09 41.63
C ASP B 396 -3.86 13.54 40.61
N GLY B 397 -4.26 13.41 39.35
CA GLY B 397 -3.35 12.96 38.32
C GLY B 397 -3.19 11.47 38.20
N LYS B 398 -4.08 10.67 38.82
CA LYS B 398 -4.00 9.22 38.71
C LYS B 398 -4.86 8.68 37.57
N ILE B 399 -4.38 7.60 36.94
CA ILE B 399 -5.21 6.87 36.00
C ILE B 399 -6.40 6.28 36.75
N GLN B 400 -7.52 6.13 36.04
CA GLN B 400 -8.76 5.64 36.63
C GLN B 400 -9.18 4.33 35.95
N ARG B 401 -9.20 3.25 36.72
CA ARG B 401 -9.69 1.97 36.21
C ARG B 401 -11.11 2.09 35.64
N ASP B 402 -11.94 2.97 36.23
CA ASP B 402 -13.32 3.14 35.75
C ASP B 402 -13.36 3.77 34.36
N GLU B 403 -12.52 4.79 34.13
CA GLU B 403 -12.43 5.40 32.81
C GLU B 403 -11.95 4.40 31.78
N VAL B 404 -10.88 3.69 32.09
CA VAL B 404 -10.32 2.71 31.17
C VAL B 404 -11.37 1.66 30.81
N ALA B 405 -12.06 1.13 31.83
CA ALA B 405 -13.13 0.15 31.58
C ALA B 405 -14.24 0.76 30.74
N LYS B 406 -14.71 1.95 31.10
CA LYS B 406 -15.83 2.57 30.38
C LYS B 406 -15.50 2.73 28.91
N LEU B 407 -14.31 3.24 28.60
CA LEU B 407 -13.98 3.52 27.21
C LEU B 407 -13.72 2.24 26.40
N ILE B 408 -13.16 1.20 27.02
CA ILE B 408 -13.00 -0.05 26.30
C ILE B 408 -14.36 -0.67 26.01
N LYS B 409 -15.26 -0.63 27.00
CA LYS B 409 -16.62 -1.10 26.79
C LYS B 409 -17.29 -0.35 25.64
N GLU B 410 -17.19 0.98 25.62
CA GLU B 410 -17.91 1.73 24.59
C GLU B 410 -17.27 1.57 23.21
N VAL B 411 -15.94 1.55 23.14
CA VAL B 411 -15.29 1.55 21.83
C VAL B 411 -15.14 0.15 21.26
N VAL B 412 -14.94 -0.88 22.09
CA VAL B 412 -14.56 -2.21 21.64
C VAL B 412 -15.63 -3.25 21.98
N VAL B 413 -16.01 -3.34 23.25
CA VAL B 413 -16.80 -4.49 23.68
C VAL B 413 -18.25 -4.33 23.23
N GLU B 414 -18.87 -3.20 23.53
CA GLU B 414 -20.25 -2.98 23.13
C GLU B 414 -20.38 -2.14 21.87
N LYS B 415 -19.33 -1.41 21.49
CA LYS B 415 -19.28 -0.64 20.24
C LYS B 415 -20.45 0.35 20.14
N THR B 416 -20.74 1.02 21.25
CA THR B 416 -21.71 2.11 21.20
C THR B 416 -21.11 3.39 20.63
N ARG B 417 -19.78 3.48 20.56
CA ARG B 417 -19.10 4.58 19.90
C ARG B 417 -18.84 4.25 18.43
N GLU B 418 -19.93 4.05 17.69
CA GLU B 418 -19.84 3.84 16.25
C GLU B 418 -19.24 5.06 15.56
N ASP B 419 -19.41 6.25 16.13
CA ASP B 419 -18.85 7.46 15.54
C ASP B 419 -17.33 7.41 15.53
N VAL B 420 -16.72 6.99 16.64
CA VAL B 420 -15.26 6.85 16.67
C VAL B 420 -14.81 5.79 15.67
N ARG B 421 -15.51 4.65 15.62
CA ARG B 421 -15.09 3.58 14.72
C ARG B 421 -15.21 4.02 13.26
N LYS B 422 -16.25 4.79 12.94
CA LYS B 422 -16.39 5.30 11.58
C LYS B 422 -15.29 6.30 11.24
N LYS B 423 -14.95 7.21 12.17
CA LYS B 423 -13.89 8.17 11.88
C LYS B 423 -12.55 7.47 11.72
N ALA B 424 -12.30 6.42 12.52
CA ALA B 424 -11.08 5.65 12.38
C ALA B 424 -11.00 4.96 11.02
N ARG B 425 -12.10 4.37 10.57
CA ARG B 425 -12.10 3.76 9.23
C ARG B 425 -11.82 4.81 8.16
N GLU B 426 -12.49 5.95 8.26
CA GLU B 426 -12.32 6.99 7.26
C GLU B 426 -10.91 7.55 7.24
N MET B 427 -10.29 7.72 8.42
CA MET B 427 -8.91 8.22 8.47
C MET B 427 -7.95 7.22 7.84
N SER B 428 -8.16 5.93 8.11
CA SER B 428 -7.29 4.92 7.53
C SER B 428 -7.41 4.92 6.02
N GLU B 429 -8.63 5.11 5.52
CA GLU B 429 -8.83 5.21 4.08
C GLU B 429 -8.06 6.39 3.50
N ILE B 430 -8.10 7.52 4.20
CA ILE B 430 -7.31 8.69 3.78
C ILE B 430 -5.82 8.34 3.78
N LEU B 431 -5.35 7.68 4.83
CA LEU B 431 -3.92 7.45 4.94
C LEU B 431 -3.44 6.39 3.98
N ARG B 432 -4.29 5.40 3.68
CA ARG B 432 -3.93 4.36 2.71
C ARG B 432 -3.87 4.88 1.28
N SER B 433 -4.49 6.03 1.02
CA SER B 433 -4.53 6.60 -0.32
C SER B 433 -3.28 7.41 -0.65
N LYS B 434 -2.44 7.72 0.35
CA LYS B 434 -1.24 8.49 0.10
C LYS B 434 -0.14 7.59 -0.46
N GLY B 435 0.68 8.17 -1.33
CA GLY B 435 1.76 7.45 -1.96
C GLY B 435 3.05 8.24 -1.89
N GLU B 436 3.87 8.09 -2.92
CA GLU B 436 5.19 8.72 -2.91
C GLU B 436 5.12 10.23 -3.07
N GLU B 437 3.98 10.77 -3.49
CA GLU B 437 3.86 12.23 -3.62
C GLU B 437 4.01 12.92 -2.28
N LYS B 438 3.83 12.21 -1.17
CA LYS B 438 4.00 12.85 0.12
C LYS B 438 5.43 13.32 0.34
N PHE B 439 6.40 12.86 -0.46
CA PHE B 439 7.78 13.26 -0.30
C PHE B 439 8.22 14.29 -1.35
N ASP B 440 7.33 14.68 -2.26
CA ASP B 440 7.72 15.55 -3.36
C ASP B 440 8.24 16.88 -2.85
N GLU B 441 7.61 17.44 -1.81
CA GLU B 441 7.99 18.76 -1.31
C GLU B 441 9.34 18.73 -0.64
N MET B 442 9.57 17.73 0.23
CA MET B 442 10.89 17.54 0.82
C MET B 442 11.98 17.42 -0.23
N VAL B 443 11.76 16.59 -1.25
CA VAL B 443 12.80 16.39 -2.24
C VAL B 443 13.09 17.69 -2.99
N ALA B 444 12.05 18.45 -3.29
CA ALA B 444 12.24 19.71 -4.02
C ALA B 444 13.00 20.72 -3.16
N GLU B 445 12.69 20.77 -1.87
CA GLU B 445 13.40 21.66 -0.96
C GLU B 445 14.86 21.27 -0.83
N ILE B 446 15.13 19.96 -0.71
CA ILE B 446 16.51 19.47 -0.66
C ILE B 446 17.24 19.85 -1.93
N SER B 447 16.61 19.65 -3.09
CA SER B 447 17.23 19.98 -4.36
C SER B 447 17.60 21.46 -4.41
N LEU B 448 16.67 22.31 -4.05
CA LEU B 448 16.94 23.75 -4.10
C LEU B 448 18.08 24.13 -3.15
N LEU B 449 18.04 23.61 -1.94
CA LEU B 449 19.05 23.95 -0.94
C LEU B 449 20.45 23.51 -1.38
N LEU B 450 20.58 22.32 -1.94
CA LEU B 450 21.90 21.87 -2.35
C LEU B 450 22.40 22.67 -3.55
N LYS B 451 21.50 23.12 -4.45
CA LYS B 451 21.93 23.92 -5.59
C LYS B 451 22.40 25.31 -5.17
N ILE B 452 21.71 25.89 -4.18
CA ILE B 452 22.12 27.19 -3.64
C ILE B 452 23.45 27.07 -2.93
N GLU B 453 23.58 26.07 -2.05
CA GLU B 453 24.81 25.95 -1.28
C GLU B 453 25.99 25.63 -2.18
N HIS B 454 25.78 24.86 -3.25
CA HIS B 454 26.86 24.60 -4.18
C HIS B 454 27.42 25.89 -4.77
N HIS B 455 26.54 26.84 -5.09
CA HIS B 455 27.02 28.14 -5.54
C HIS B 455 27.86 28.81 -4.46
N HIS B 456 27.33 28.89 -3.23
CA HIS B 456 28.05 29.60 -2.18
C HIS B 456 29.33 28.91 -1.76
N HIS B 457 29.55 27.67 -2.19
CA HIS B 457 30.79 26.95 -1.87
C HIS B 457 31.94 27.33 -2.80
N1 UDP C . -12.29 -0.69 -16.56
C2 UDP C . -12.57 0.64 -15.97
N3 UDP C . -13.92 1.21 -16.16
C4 UDP C . -14.95 0.49 -16.87
C5 UDP C . -14.67 -0.84 -17.45
C6 UDP C . -13.31 -1.42 -17.29
O2 UDP C . -11.72 1.23 -15.39
O4 UDP C . -16.04 0.98 -16.98
C1' UDP C . -10.94 -1.23 -16.41
C2' UDP C . -10.87 -2.32 -15.30
O2' UDP C . -10.63 -1.74 -14.08
C3' UDP C . -9.69 -3.14 -15.80
C4' UDP C . -9.73 -3.05 -17.16
O4' UDP C . -10.61 -1.78 -17.53
O3' UDP C . -8.44 -2.45 -15.31
C5' UDP C . -10.46 -4.18 -17.83
O5' UDP C . -9.54 -5.19 -18.06
PA UDP C . -10.07 -6.72 -17.89
O1A UDP C . -8.85 -7.60 -17.94
O2A UDP C . -10.87 -6.96 -16.64
O3A UDP C . -11.01 -7.19 -19.15
PB UDP C . -10.93 -6.71 -20.72
O1B UDP C . -11.30 -5.25 -20.92
O2B UDP C . -9.54 -6.96 -21.25
O3B UDP C . -11.89 -7.67 -21.33
C TRS D . -7.45 -9.91 -20.95
C1 TRS D . -6.66 -9.11 -19.92
C2 TRS D . -8.69 -10.50 -20.28
C3 TRS D . -6.59 -11.00 -21.59
N TRS D . -7.93 -9.01 -22.01
O1 TRS D . -5.78 -8.21 -20.55
O2 TRS D . -8.31 -11.33 -19.21
O3 TRS D . -7.35 -11.84 -22.43
OH POG E . 0.49 -29.20 -33.02
C2 POG E . 0.12 -29.34 -31.67
C1 POG E . -1.18 -30.15 -31.59
C3 POG E . -0.10 -27.97 -31.07
O2 POG E . -1.06 -27.28 -31.81
C5 POG E . -1.61 -26.19 -31.13
O1 POG E . -10.74 -27.38 -21.89
C4 POG E . -9.53 -26.68 -21.80
C6 POG E . -9.06 -26.26 -23.19
O3 POG E . -9.45 -24.93 -23.43
C7 POG E . -8.86 -24.35 -24.55
C8 POG E . -8.28 -22.98 -24.17
O4 POG E . -7.29 -22.62 -25.07
C9 POG E . -6.76 -21.35 -24.78
C10 POG E . -5.32 -21.23 -25.27
O5 POG E . -4.76 -22.50 -25.42
C11 POG E . -4.81 -22.97 -26.74
C12 POG E . -3.41 -23.25 -27.23
O6 POG E . -3.44 -24.37 -28.05
C13 POG E . -4.51 -24.36 -28.96
C14 POG E . -4.30 -25.43 -30.02
O7 POG E . -3.61 -24.83 -31.08
C15 POG E . -2.86 -25.71 -31.87
C16 POG E . -0.59 -25.07 -31.07
C17 POG E . -5.67 -25.92 -30.51
C18 POG E . -2.50 -23.48 -26.03
C19 POG E . -4.52 -20.41 -24.25
C20 POG E . -7.65 -23.02 -22.78
C21 POG E . -9.67 -27.17 -24.26
O2 POG F . 9.06 -31.04 -32.15
C5 POG F . 8.46 -29.78 -31.89
O4 POG F . 4.91 -35.04 -28.43
C9 POG F . 3.63 -34.48 -28.24
C10 POG F . 3.37 -33.45 -29.33
O5 POG F . 4.41 -33.54 -30.28
C11 POG F . 4.33 -32.70 -31.40
C12 POG F . 5.50 -33.10 -32.31
O6 POG F . 5.63 -32.33 -33.47
C13 POG F . 5.01 -31.08 -33.54
C14 POG F . 5.97 -30.10 -34.23
O7 POG F . 6.56 -29.23 -33.30
C15 POG F . 6.96 -29.83 -32.09
C16 POG F . 8.99 -28.66 -32.78
C17 POG F . 5.25 -29.26 -35.29
C18 POG F . 5.32 -34.55 -32.75
C19 POG F . 3.36 -32.06 -28.68
C01 M7F G . 3.23 -27.74 -28.93
C02 M7F G . 4.64 -27.20 -29.41
C03 M7F G . 4.59 -25.63 -29.18
C04 M7F G . 5.24 -24.71 -30.28
C05 M7F G . 6.78 -24.88 -30.45
C06 M7F G . 4.98 -25.06 -31.77
C07 M7F G . 4.35 -26.51 -31.90
C08 M7F G . 4.83 -27.56 -30.89
C10 M7F G . 3.50 -24.78 -31.41
C11 M7F G . 4.72 -23.75 -32.49
C12 M7F G . 5.55 -22.70 -31.69
C13 M7F G . 5.38 -23.16 -30.21
C14 M7F G . 5.19 -23.69 -33.93
C15 M7F G . 5.55 -22.20 -34.30
C16 M7F G . 4.64 -21.41 -35.34
C17 M7F G . 5.39 -20.14 -35.80
C19 M7F G . 7.61 -19.69 -36.59
C20 M7F G . 8.96 -20.46 -36.37
C22 M7F G . 9.62 -22.26 -35.09
C24 M7F G . 9.27 -24.68 -35.11
C25 M7F G . 8.12 -25.73 -35.40
C27 M7F G . 9.89 -24.87 -33.72
C28 M7F G . 10.95 -23.75 -33.47
C29 M7F G . 10.32 -22.32 -33.73
C33 M7F G . 10.12 -19.45 -36.29
C35 M7F G . 9.86 -18.18 -37.22
C36 M7F G . 8.84 -18.42 -38.35
C38 M7F G . 8.51 -17.10 -39.05
C41 M7F G . 4.43 -19.22 -36.54
C42 M7F G . 4.12 -19.79 -37.89
C43 M7F G . 4.99 -17.82 -36.72
C45 M7F G . 4.11 -24.22 -34.87
C46 M7F G . 5.16 -25.25 -27.82
C47 M7F G . 6.53 -25.85 -27.38
C48 M7F G . 6.89 -27.18 -28.10
C49 M7F G . 5.62 -27.98 -28.38
C50 M7F G . 5.81 -29.47 -28.86
C51 M7F G . 7.08 -30.18 -28.46
C52 M7F G . 7.92 -29.46 -27.37
C53 M7F G . 8.12 -27.95 -27.68
C54 M7F G . 9.18 -27.79 -28.80
C55 M7F G . 8.67 -27.30 -26.40
C57 M7F G . 7.81 -30.69 -25.41
C59 M7F G . 7.61 -33.07 -25.09
C60 M7F G . 6.72 -34.29 -25.58
C62 M7F G . 7.50 -32.97 -23.56
C63 M7F G . 7.90 -31.56 -22.98
C64 M7F G . 7.53 -30.36 -23.94
O09 M7F G . 4.11 -28.78 -31.27
O18 M7F G . 6.52 -20.56 -36.58
O21 M7F G . 8.93 -21.06 -35.13
O23 M7F G . 8.66 -23.36 -35.27
O26 M7F G . 7.75 -25.50 -36.73
O30 M7F G . 11.35 -21.34 -33.70
O31 M7F G . 11.43 -23.83 -32.07
O32 M7F G . 10.61 -26.11 -33.63
O34 M7F G . 11.36 -20.12 -36.67
O37 M7F G . 7.56 -19.00 -37.78
O39 M7F G . 7.27 -16.63 -38.67
O40 M7F G . 11.11 -17.81 -37.82
O44 M7F G . 3.27 -19.03 -35.85
O56 M7F G . 7.28 -29.60 -26.18
O58 M7F G . 7.15 -31.86 -25.80
O61 M7F G . 5.38 -34.15 -25.23
O65 M7F G . 8.32 -29.23 -23.57
O66 M7F G . 7.20 -31.35 -21.75
O67 M7F G . 8.41 -33.94 -23.01
C01 M7F H . -2.44 -12.27 -37.35
C02 M7F H . -3.12 -13.59 -36.81
C03 M7F H . -4.37 -13.08 -35.99
C04 M7F H . -4.73 -13.82 -34.65
C05 M7F H . -5.20 -15.29 -34.89
C06 M7F H . -3.54 -14.26 -33.77
C07 M7F H . -2.15 -13.96 -34.46
C08 M7F H . -2.13 -14.37 -35.93
C10 M7F H . -3.35 -12.76 -33.47
C11 M7F H . -3.94 -14.15 -32.31
C12 M7F H . -5.50 -14.10 -32.30
C13 M7F H . -5.93 -13.55 -33.69
C14 M7F H . -3.45 -15.34 -31.52
C15 M7F H . -4.23 -15.37 -30.16
C16 M7F H . -5.04 -16.74 -30.15
C17 M7F H . -5.56 -17.06 -28.75
C19 M7F H . -6.32 -15.30 -27.43
C20 M7F H . -7.34 -14.09 -27.44
C22 M7F H . -8.62 -13.17 -29.16
C24 M7F H . -10.77 -14.02 -29.85
C25 M7F H . -11.61 -15.35 -30.06
C27 M7F H . -10.86 -13.14 -31.11
C28 M7F H . -9.91 -11.90 -30.98
C29 M7F H . -8.49 -12.31 -30.43
C33 M7F H . -6.90 -13.06 -26.39
C35 M7F H . -5.99 -13.78 -25.30
C36 M7F H . -6.57 -15.19 -25.03
C38 M7F H . -5.87 -15.85 -23.85
C41 M7F H . -6.07 -18.45 -28.79
C42 M7F H . -4.94 -19.45 -28.91
C43 M7F H . -6.95 -18.55 -30.01
C45 M7F H . -1.95 -15.28 -31.25
C46 M7F H . -5.63 -12.99 -36.85
C47 M7F H . -5.94 -14.08 -37.90
C48 M7F H . -4.80 -15.08 -38.11
C49 M7F H . -3.45 -14.39 -38.17
C50 M7F H . -2.29 -15.33 -38.58
C51 M7F H . -2.51 -16.03 -39.90
C52 M7F H . -4.00 -16.14 -40.32
C53 M7F H . -4.95 -16.22 -39.08
C54 M7F H . -6.41 -16.17 -39.60
C55 M7F H . -4.75 -17.54 -38.33
C57 M7F H . -4.63 -15.45 -42.43
C59 M7F H . -3.76 -16.44 -44.35
C60 M7F H . -2.43 -16.81 -45.09
C62 M7F H . -4.63 -15.60 -45.31
C63 M7F H . -5.79 -14.81 -44.59
C64 M7F H . -5.36 -14.32 -43.16
O09 M7F H . -0.74 -14.16 -36.34
O18 M7F H . -6.63 -16.16 -28.50
O21 M7F H . -7.33 -13.48 -28.69
O23 M7F H . -9.38 -14.37 -29.52
O26 M7F H . -10.99 -16.38 -29.35
O30 M7F H . -7.75 -11.15 -30.12
O31 M7F H . -9.76 -11.29 -32.33
O32 M7F H . -12.20 -12.67 -31.33
O34 M7F H . -8.08 -12.44 -25.81
O37 M7F H . -6.32 -16.04 -26.27
O39 M7F H . -6.85 -16.65 -23.31
O40 M7F H . -5.88 -13.05 -24.07
O44 M7F H . -6.81 -18.72 -27.66
O56 M7F H . -4.35 -15.07 -41.06
O58 M7F H . -3.44 -15.72 -43.13
O61 M7F H . -1.96 -17.95 -44.46
O65 M7F H . -6.53 -13.96 -42.43
O66 M7F H . -6.12 -13.69 -45.40
O67 M7F H . -5.22 -16.48 -46.27
N1 UDP I . 6.77 -1.07 19.30
C2 UDP I . 6.84 -2.49 18.89
N3 UDP I . 6.60 -3.50 19.94
C4 UDP I . 6.30 -3.14 21.32
C5 UDP I . 6.24 -1.72 21.70
C6 UDP I . 6.49 -0.70 20.65
O2 UDP I . 7.08 -2.76 17.76
O4 UDP I . 6.11 -3.97 22.13
C1' UDP I . 7.03 -0.05 18.28
C2' UDP I . 5.71 0.69 17.88
O2' UDP I . 5.13 0.02 16.81
C3' UDP I . 6.29 2.02 17.47
C4' UDP I . 7.38 2.24 18.27
O4' UDP I . 7.79 0.82 18.88
O3' UDP I . 6.79 1.84 16.06
C5' UDP I . 7.18 3.10 19.48
O5' UDP I . 7.26 4.43 19.07
PA UDP I . 6.22 5.49 19.73
O1A UDP I . 6.39 6.83 19.02
O2A UDP I . 4.80 5.01 19.72
O3A UDP I . 6.59 5.76 21.32
PB UDP I . 8.06 5.79 22.08
O1B UDP I . 8.95 6.73 21.30
O2B UDP I . 8.65 4.42 22.21
O3B UDP I . 7.63 6.31 23.42
C TRS J . 8.27 10.08 20.27
C1 TRS J . 6.96 9.91 21.01
C2 TRS J . 8.71 11.53 20.19
C3 TRS J . 8.16 9.48 18.88
N TRS J . 9.31 9.35 21.03
O1 TRS J . 5.95 10.53 20.26
O2 TRS J . 8.66 12.15 21.46
O3 TRS J . 9.43 9.44 18.28
OH POG K . 2.03 48.83 22.49
C2 POG K . 3.27 48.19 22.34
C1 POG K . 3.89 48.61 21.01
C3 POG K . 3.08 46.68 22.38
O2 POG K . 3.30 46.18 23.66
C5 POG K . 4.18 45.09 23.73
O1 POG K . 16.77 36.09 20.98
C4 POG K . 15.40 36.01 21.27
C6 POG K . 15.20 36.03 22.78
O3 POG K . 14.71 37.28 23.18
C7 POG K . 13.73 37.83 22.34
C8 POG K . 12.65 38.53 23.15
O4 POG K . 11.40 37.94 22.89
C9 POG K . 11.05 37.99 21.54
C10 POG K . 9.62 37.55 21.28
O5 POG K . 8.69 38.47 21.80
C11 POG K . 8.72 39.74 21.17
C12 POG K . 8.01 40.78 22.05
O6 POG K . 6.87 41.27 21.40
C13 POG K . 6.19 42.26 22.10
C14 POG K . 4.82 42.49 21.45
O7 POG K . 4.35 43.78 21.74
C15 POG K . 3.63 43.91 22.93
C16 POG K . 4.39 44.66 25.19
C17 POG K . 3.84 41.41 21.92
C18 POG K . 8.96 41.95 22.33
C19 POG K . 9.39 36.18 21.92
C20 POG K . 12.58 40.00 22.73
C21 POG K . 16.52 35.70 23.47
OH POG L . 10.71 36.48 24.86
C2 POG L . 11.04 35.29 25.50
C1 POG L . 11.55 35.54 26.92
C3 POG L . 12.15 34.60 24.69
O2 POG L . 12.18 33.25 25.02
C5 POG L . 13.47 32.70 24.97
O1 POG L . 7.23 17.23 24.98
C4 POG L . 7.20 18.26 25.93
C6 POG L . 5.78 18.79 26.13
O3 POG L . 5.51 19.93 25.36
C7 POG L . 6.64 20.61 24.91
C8 POG L . 6.30 22.08 24.63
O4 POG L . 7.33 22.65 23.86
C9 POG L . 8.17 23.57 24.50
C10 POG L . 8.99 24.32 23.45
O5 POG L . 9.23 25.61 23.94
C11 POG L . 9.99 25.60 25.11
C12 POG L . 9.90 26.94 25.82
O6 POG L . 11.17 27.32 26.28
C13 POG L . 11.32 28.69 26.50
C14 POG L . 12.57 29.23 25.81
O7 POG L . 12.50 30.64 25.72
C15 POG L . 13.38 31.20 24.77
C16 POG L . 14.19 33.01 26.28
C17 POG L . 12.69 28.63 24.41
C18 POG L . 8.94 26.79 26.98
C19 POG L . 8.22 24.39 22.14
C20 POG L . 6.09 22.81 25.97
C21 POG L . 5.60 19.13 27.61
C01 M7F M . 11.55 32.09 20.72
C02 M7F M . 12.84 32.37 19.85
C03 M7F M . 13.34 30.94 19.41
C04 M7F M . 14.89 30.68 19.31
C05 M7F M . 15.65 31.56 18.27
C06 M7F M . 15.76 31.20 20.48
C07 M7F M . 14.94 32.20 21.41
C08 M7F M . 13.89 33.08 20.71
C10 M7F M . 15.00 30.21 21.36
C11 M7F M . 16.81 30.14 20.76
C12 M7F M . 17.01 29.44 19.37
C13 M7F M . 15.58 29.39 18.77
C14 M7F M . 18.15 30.67 21.23
C15 M7F M . 19.28 29.68 20.79
C16 M7F M . 19.97 28.79 21.93
C17 M7F M . 21.25 28.14 21.33
C19 M7F M . 23.07 28.92 20.03
C20 M7F M . 23.17 30.13 19.05
C22 M7F M . 21.66 31.66 18.17
C24 M7F M . 20.49 33.63 19.04
C25 M7F M . 19.72 34.09 20.34
C27 M7F M . 19.60 33.74 17.78
C28 M7F M . 20.39 33.17 16.55
C29 M7F M . 20.86 31.69 16.85
C33 M7F M . 24.08 29.76 17.87
C35 M7F M . 25.20 28.69 18.29
C36 M7F M . 25.54 28.76 19.78
C38 M7F M . 26.56 27.67 20.17
C41 M7F M . 21.82 27.09 22.26
C42 M7F M . 22.76 26.14 21.57
C43 M7F M . 20.69 26.20 22.77
C45 M7F M . 18.16 30.85 22.73
C46 M7F M . 12.66 30.53 18.10
C47 M7F M . 12.63 31.54 16.92
C48 M7F M . 12.86 33.01 17.33
C49 M7F M . 12.23 33.31 18.67
C50 M7F M . 12.26 34.82 19.14
C51 M7F M . 11.87 35.82 18.06
C52 M7F M . 11.76 35.29 16.60
C53 M7F M . 12.76 34.12 16.29
C54 M7F M . 12.30 33.46 14.95
C55 M7F M . 14.17 34.68 16.08
C57 M7F M . 9.62 35.87 15.84
C59 M7F M . 8.21 37.75 16.44
C60 M7F M . 7.72 38.56 17.72
C62 M7F M . 6.96 37.16 15.79
C63 M7F M . 7.34 36.12 14.66
C64 M7F M . 8.46 35.13 15.18
O09 M7F M . 13.22 33.80 21.79
O18 M7F M . 22.17 29.18 21.08
O21 M7F M . 21.92 30.33 18.49
O23 M7F M . 20.89 32.24 19.26
O26 M7F M . 20.66 34.02 21.38
O30 M7F M . 21.69 31.23 15.81
O31 M7F M . 19.51 33.21 15.34
O32 M7F M . 19.27 35.10 17.52
O34 M7F M . 24.69 30.98 17.33
O37 M7F M . 24.27 28.56 20.59
O39 M7F M . 25.93 26.61 20.76
O40 M7F M . 26.40 28.92 17.53
O44 M7F M . 22.47 27.69 23.31
O56 M7F M . 10.49 34.86 16.40
O58 M7F M . 9.19 36.74 16.86
O61 M7F M . 6.84 37.79 18.47
O65 M7F M . 8.93 34.40 14.05
O66 M7F M . 6.21 35.32 14.35
O67 M7F M . 6.21 38.25 15.24
C01 M7F N . 22.33 18.02 26.55
C02 M7F N . 21.05 18.83 27.00
C03 M7F N . 20.05 17.68 27.37
C04 M7F N . 18.52 17.88 27.05
C05 M7F N . 17.84 19.02 27.87
C06 M7F N . 18.18 18.58 25.71
C07 M7F N . 19.49 19.07 24.96
C08 M7F N . 20.50 19.75 25.90
C10 M7F N . 18.65 17.27 25.03
C11 M7F N . 16.89 17.99 25.18
C12 M7F N . 16.19 17.38 26.42
C13 M7F N . 17.35 16.89 27.35
C14 M7F N . 16.00 19.01 24.57
C15 M7F N . 14.57 18.39 24.42
C16 M7F N . 13.60 19.32 25.26
C17 M7F N . 12.12 19.00 25.03
C19 M7F N . 11.58 16.83 24.44
C20 M7F N . 11.66 15.34 24.93
C22 M7F N . 12.83 14.39 26.71
C24 M7F N . 11.99 14.43 28.98
C25 M7F N . 11.26 15.33 30.06
C27 M7F N . 13.33 13.99 29.60
C28 M7F N . 14.17 13.18 28.54
C29 M7F N . 14.24 14.00 27.19
C33 M7F N . 11.54 14.41 23.69
C35 M7F N . 10.72 15.17 22.57
C36 M7F N . 9.65 16.07 23.20
C38 M7F N . 8.78 16.68 22.11
C41 M7F N . 11.31 19.98 25.81
C42 M7F N . 11.80 19.93 27.23
C43 M7F N . 11.50 21.39 25.26
C45 M7F N . 16.48 19.45 23.19
C46 M7F N . 20.21 17.31 28.85
C47 M7F N . 20.30 18.41 29.94
C48 M7F N . 20.64 19.80 29.37
C49 M7F N . 21.65 19.66 28.25
C50 M7F N . 22.31 21.01 27.81
C51 M7F N . 22.86 21.85 28.95
C52 M7F N . 22.41 21.38 30.35
C53 M7F N . 20.92 20.92 30.32
C54 M7F N . 19.99 22.12 29.94
C55 M7F N . 20.53 20.44 31.72
C57 M7F N . 24.50 20.61 31.13
C59 M7F N . 24.72 19.02 33.03
C60 M7F N . 23.18 18.82 33.31
C62 M7F N . 25.23 20.08 34.03
C63 M7F N . 25.31 21.53 33.45
C64 M7F N . 24.51 21.77 32.11
O09 M7F N . 21.54 20.26 25.02
O18 M7F N . 11.89 17.69 25.50
O21 M7F N . 12.91 15.13 25.52
O23 M7F N . 12.19 15.18 27.75
O26 M7F N . 10.91 16.55 29.48
O30 M7F N . 14.88 13.22 26.19
O31 M7F N . 15.51 13.00 29.13
O32 M7F N . 13.08 13.16 30.75
O34 M7F N . 10.90 13.16 24.08
O37 M7F N . 10.36 17.19 23.94
O39 M7F N . 7.53 16.73 22.69
O40 M7F N . 10.07 14.28 21.65
O44 M7F N . 9.99 19.66 25.79
O56 M7F N . 23.14 20.33 30.74
O58 M7F N . 25.04 19.40 31.64
O61 M7F N . 22.93 18.68 34.65
O65 M7F N . 25.17 22.84 31.45
O66 M7F N . 24.72 22.41 34.40
O67 M7F N . 26.53 19.65 34.40
#